data_1RFF
#
_entry.id   1RFF
#
_cell.length_a   50.076
_cell.length_b   104.904
_cell.length_c   193.832
_cell.angle_alpha   90.00
_cell.angle_beta   90.00
_cell.angle_gamma   90.00
#
_symmetry.space_group_name_H-M   'P 21 21 21'
#
loop_
_entity.id
_entity.type
_entity.pdbx_description
1 polymer "5'-D(*AP*GP*TP*T)-3'"
2 polymer 'Tyrosyl-DNA phosphodiesterase 1'
3 polymer 'Topoisomerase I-Derived Peptide'
4 non-polymer 'VANADATE ION'
5 non-polymer SPERMINE
6 water water
#
loop_
_entity_poly.entity_id
_entity_poly.type
_entity_poly.pdbx_seq_one_letter_code
_entity_poly.pdbx_strand_id
1 'polydeoxyribonucleotide' (DA)(DG)(DT)(DT) D,F
2 'polypeptide(L)'
;MGSSHHHHHHSSGLVPRGSHMLEDPGEGQDIWDMLDKGNPFQFYLTRVSGVKPKYNSGALHIKDILSPLFGTLVSSAQFN
YCFDVDWLVKQYPPEFRKKPILLVHGDKREAKAHLHAQAKPYENISLCQAKLDIAFGTHHTKMMLLLYEEGLRVVIHTSN
LIHADWHQKTQGIWLSPLYPRIADGTHKSGESPTHFKANLISYLTAYNAPSLKEWIDVIHKHDLSETNVYLIGSTPGRFQ
GSQKDNWGHFRLKKLLKDHASSMPNAESWPVVGQFSSVGSLGADESKWLCSEFKESMLTLGKESKTPGKSSVPLYLIYPS
VENVRTSLEGYPAGGSLPYSIQTAEKQNWLHSYFHKWSAETSGRSNAMPHIKTYMRPSPDFSKIAWFLVTSANLSKAAWG
ALEKNGTQLMIRSYELGVLFLPSALGLDSFKVKQKFFAGSQEPMATFPVPYDLPPELYGSKDRPWIWNIPYVKAPDTHGN
MWVPS
;
A,B
3 'polypeptide(L)' KLNYYDPR C,E
#
# COMPACT_ATOMS: atom_id res chain seq x y z
N ASN C 39 -15.06 17.25 -2.96
CA ASN C 39 -14.24 17.05 -4.20
C ASN C 39 -12.94 16.34 -3.86
N PRO C 40 -12.69 15.23 -4.56
CA PRO C 40 -11.67 14.28 -4.14
C PRO C 40 -10.28 14.69 -4.62
N PHE C 41 -10.17 15.67 -5.51
CA PHE C 41 -8.86 15.93 -6.10
C PHE C 41 -8.05 16.95 -5.34
N GLN C 42 -8.71 17.98 -4.83
CA GLN C 42 -8.04 19.10 -4.14
C GLN C 42 -6.88 19.69 -5.01
N PHE C 43 -7.17 19.81 -6.29
CA PHE C 43 -6.23 20.39 -7.22
C PHE C 43 -6.78 21.79 -7.59
N TYR C 44 -5.96 22.81 -7.40
CA TYR C 44 -6.38 24.21 -7.59
C TYR C 44 -5.38 24.92 -8.47
N LEU C 45 -5.85 25.96 -9.13
CA LEU C 45 -4.96 26.91 -9.80
C LEU C 45 -4.76 28.13 -8.91
N THR C 46 -3.65 28.84 -9.12
CA THR C 46 -3.43 30.06 -8.40
C THR C 46 -4.29 31.16 -9.01
N ARG C 47 -4.56 32.18 -8.22
CA ARG C 47 -5.29 33.37 -8.66
C ARG C 47 -4.49 34.16 -9.68
N VAL C 48 -5.18 34.64 -10.72
CA VAL C 48 -4.52 35.42 -11.77
C VAL C 48 -5.12 36.84 -11.70
N SER C 49 -4.27 37.84 -11.54
CA SER C 49 -4.73 39.21 -11.58
C SER C 49 -5.04 39.60 -13.02
N GLY C 50 -6.18 40.26 -13.21
CA GLY C 50 -6.49 40.82 -14.51
C GLY C 50 -7.38 39.95 -15.39
N VAL C 51 -7.91 38.86 -14.84
CA VAL C 51 -8.95 38.12 -15.55
C VAL C 51 -10.25 38.36 -14.79
N LYS C 52 -11.38 38.09 -15.45
CA LYS C 52 -12.69 38.25 -14.84
C LYS C 52 -12.82 37.43 -13.56
N PRO C 53 -13.53 37.97 -12.57
CA PRO C 53 -13.67 37.34 -11.24
C PRO C 53 -14.12 35.90 -11.28
N LYS C 54 -14.96 35.53 -12.23
CA LYS C 54 -15.44 34.16 -12.30
C LYS C 54 -14.32 33.15 -12.52
N TYR C 55 -13.21 33.60 -13.11
CA TYR C 55 -12.06 32.75 -13.35
C TYR C 55 -11.14 32.60 -12.14
N ASN C 56 -11.40 33.35 -11.08
CA ASN C 56 -10.64 33.24 -9.84
C ASN C 56 -11.45 32.64 -8.70
N SER C 57 -12.68 32.22 -8.99
CA SER C 57 -13.59 31.82 -7.92
C SER C 57 -13.15 30.56 -7.19
N GLY C 58 -12.70 29.56 -7.91
CA GLY C 58 -12.11 28.40 -7.28
C GLY C 58 -10.59 28.46 -7.14
N ALA C 59 -9.99 29.65 -7.34
CA ALA C 59 -8.54 29.75 -7.39
C ALA C 59 -7.98 30.16 -6.03
N LEU C 60 -6.70 29.91 -5.80
CA LEU C 60 -6.09 30.19 -4.51
C LEU C 60 -4.85 31.06 -4.63
N HIS C 61 -4.73 32.05 -3.75
CA HIS C 61 -3.49 32.82 -3.66
C HIS C 61 -2.76 32.31 -2.42
N ILE C 62 -1.45 32.49 -2.37
CA ILE C 62 -0.69 32.05 -1.21
C ILE C 62 -1.24 32.62 0.13
N LYS C 63 -1.75 33.84 0.12
CA LYS C 63 -2.39 34.35 1.34
C LYS C 63 -3.61 33.53 1.79
N ASP C 64 -4.41 33.03 0.84
CA ASP C 64 -5.48 32.09 1.14
C ASP C 64 -4.97 30.81 1.82
N ILE C 65 -3.91 30.22 1.27
CA ILE C 65 -3.32 28.99 1.79
C ILE C 65 -2.83 29.14 3.24
N LEU C 66 -2.27 30.31 3.56
CA LEU C 66 -1.66 30.56 4.85
C LEU C 66 -2.65 31.19 5.84
N SER C 67 -3.89 31.37 5.42
CA SER C 67 -4.91 32.06 6.22
C SER C 67 -5.32 31.25 7.46
N PRO C 68 -5.82 31.93 8.48
CA PRO C 68 -6.24 31.29 9.74
C PRO C 68 -7.41 30.35 9.54
N LEU C 69 -8.17 30.55 8.47
CA LEU C 69 -9.25 29.61 8.14
C LEU C 69 -8.69 28.20 7.86
N PHE C 70 -7.42 28.10 7.46
CA PHE C 70 -6.82 26.81 7.08
C PHE C 70 -6.23 26.07 8.28
N GLY C 71 -6.13 26.76 9.41
CA GLY C 71 -5.50 26.21 10.60
C GLY C 71 -4.77 27.25 11.44
N THR C 72 -4.60 26.97 12.74
CA THR C 72 -3.85 27.83 13.66
C THR C 72 -2.36 27.51 13.64
N LEU C 73 -1.62 28.30 12.87
CA LEU C 73 -0.24 27.95 12.54
C LEU C 73 0.72 27.95 13.72
N VAL C 74 1.54 26.90 13.81
CA VAL C 74 2.57 26.81 14.83
C VAL C 74 3.98 26.93 14.24
N SER C 75 4.17 26.34 13.07
CA SER C 75 5.48 26.27 12.46
C SER C 75 5.33 25.87 10.99
N SER C 76 6.31 26.21 10.17
CA SER C 76 6.17 25.87 8.76
C SER C 76 7.49 25.66 8.07
N ALA C 77 7.49 24.83 7.03
CA ALA C 77 8.66 24.66 6.18
C ALA C 77 8.33 24.94 4.72
N GLN C 78 9.18 25.73 4.08
CA GLN C 78 8.96 26.16 2.70
C GLN C 78 10.10 25.65 1.85
N PHE C 79 9.80 24.64 1.01
CA PHE C 79 10.75 24.07 0.07
C PHE C 79 10.53 24.80 -1.23
N ASN C 80 11.59 25.32 -1.82
CA ASN C 80 11.47 25.94 -3.14
C ASN C 80 12.78 26.18 -3.85
N TYR C 81 12.72 26.85 -4.99
CA TYR C 81 13.87 27.12 -5.81
C TYR C 81 14.25 28.59 -5.61
N CYS C 82 13.36 29.51 -6.02
CA CYS C 82 13.60 30.93 -5.82
C CYS C 82 12.77 31.45 -4.68
N PHE C 83 13.36 32.36 -3.89
CA PHE C 83 12.69 32.96 -2.73
C PHE C 83 12.92 34.47 -2.72
N ASP C 84 11.88 35.21 -2.37
CA ASP C 84 12.00 36.62 -2.00
C ASP C 84 11.45 36.66 -0.57
N VAL C 85 12.35 36.73 0.41
CA VAL C 85 11.96 36.55 1.82
C VAL C 85 11.05 37.64 2.31
N ASP C 86 11.38 38.90 1.99
CA ASP C 86 10.50 39.99 2.43
C ASP C 86 9.10 39.75 1.92
N TRP C 87 8.99 39.37 0.64
CA TRP C 87 7.68 39.09 0.07
C TRP C 87 7.02 37.93 0.82
N LEU C 88 7.78 36.85 0.99
CA LEU C 88 7.23 35.66 1.62
C LEU C 88 6.63 35.93 2.99
N VAL C 89 7.38 36.65 3.84
CA VAL C 89 6.90 36.92 5.18
C VAL C 89 5.57 37.68 5.16
N LYS C 90 5.41 38.59 4.19
CA LYS C 90 4.18 39.36 4.02
C LYS C 90 2.97 38.54 3.60
N GLN C 91 3.20 37.34 3.07
CA GLN C 91 2.08 36.49 2.68
C GLN C 91 1.46 35.77 3.90
N TYR C 92 2.26 35.61 4.96
CA TYR C 92 1.73 35.05 6.20
C TYR C 92 0.86 36.11 6.86
N PRO C 93 -0.22 35.69 7.50
CA PRO C 93 -1.09 36.63 8.22
C PRO C 93 -0.28 37.20 9.38
N PRO C 94 -0.54 38.46 9.73
CA PRO C 94 0.23 39.16 10.76
C PRO C 94 0.37 38.34 12.04
N GLU C 95 -0.72 37.75 12.52
CA GLU C 95 -0.69 36.91 13.72
C GLU C 95 0.23 35.68 13.64
N PHE C 96 0.54 35.20 12.42
CA PHE C 96 1.42 34.04 12.25
C PHE C 96 2.83 34.43 11.80
N ARG C 97 3.07 35.71 11.56
CA ARG C 97 4.31 36.15 10.95
C ARG C 97 5.56 35.91 11.79
N LYS C 98 5.39 35.63 13.08
CA LYS C 98 6.55 35.37 13.95
C LYS C 98 6.76 33.90 14.33
N LYS C 99 5.94 33.00 13.80
CA LYS C 99 6.16 31.55 13.94
C LYS C 99 7.40 31.09 13.16
N PRO C 100 8.11 30.08 13.66
CA PRO C 100 9.32 29.60 12.98
C PRO C 100 9.04 29.21 11.54
N ILE C 101 9.97 29.56 10.64
CA ILE C 101 9.86 29.19 9.23
C ILE C 101 11.17 28.60 8.81
N LEU C 102 11.13 27.43 8.17
CA LEU C 102 12.37 26.82 7.68
C LEU C 102 12.39 26.99 6.15
N LEU C 103 13.46 27.58 5.60
CA LEU C 103 13.56 27.72 4.14
C LEU C 103 14.47 26.63 3.61
N VAL C 104 13.93 25.74 2.77
CA VAL C 104 14.74 24.68 2.18
C VAL C 104 15.05 25.02 0.74
N HIS C 105 16.33 25.32 0.49
CA HIS C 105 16.79 25.89 -0.77
C HIS C 105 18.03 25.13 -1.22
N GLY C 106 18.49 25.43 -2.44
CA GLY C 106 19.68 24.78 -2.99
C GLY C 106 20.85 25.74 -3.26
N ASP C 107 20.74 26.98 -2.78
CA ASP C 107 21.71 28.04 -3.13
C ASP C 107 23.09 27.75 -2.54
N LYS C 108 24.13 28.14 -3.29
CA LYS C 108 25.53 27.91 -2.90
C LYS C 108 26.29 29.22 -2.99
N ARG C 109 27.41 29.29 -2.28
CA ARG C 109 28.34 30.42 -2.39
C ARG C 109 27.70 31.79 -2.20
N GLU C 110 27.86 32.66 -3.21
CA GLU C 110 27.34 34.02 -3.13
C GLU C 110 25.83 34.09 -3.03
N ALA C 111 25.14 33.29 -3.85
CA ALA C 111 23.67 33.24 -3.80
C ALA C 111 23.18 32.83 -2.41
N LYS C 112 23.85 31.83 -1.82
CA LYS C 112 23.55 31.43 -0.45
C LYS C 112 23.78 32.56 0.58
N ALA C 113 24.91 33.25 0.46
CA ALA C 113 25.16 34.43 1.28
C ALA C 113 24.03 35.47 1.13
N HIS C 114 23.60 35.75 -0.11
CA HIS C 114 22.52 36.73 -0.28
C HIS C 114 21.18 36.32 0.34
N LEU C 115 20.84 35.04 0.25
CA LEU C 115 19.60 34.53 0.86
C LEU C 115 19.65 34.65 2.41
N HIS C 116 20.80 34.32 2.98
CA HIS C 116 20.97 34.42 4.44
C HIS C 116 20.79 35.88 4.87
N ALA C 117 21.36 36.79 4.08
CA ALA C 117 21.22 38.22 4.34
C ALA C 117 19.76 38.71 4.29
N GLN C 118 18.98 38.27 3.29
CA GLN C 118 17.56 38.65 3.28
C GLN C 118 16.83 38.08 4.49
N ALA C 119 17.24 36.91 4.94
CA ALA C 119 16.54 36.24 6.05
C ALA C 119 16.91 36.81 7.43
N LYS C 120 18.19 37.15 7.62
CA LYS C 120 18.70 37.69 8.90
C LYS C 120 17.78 38.60 9.73
N PRO C 121 17.14 39.60 9.10
CA PRO C 121 16.22 40.48 9.84
C PRO C 121 15.10 39.73 10.55
N TYR C 122 14.78 38.52 10.09
CA TYR C 122 13.64 37.79 10.60
C TYR C 122 14.13 36.67 11.51
N GLU C 123 14.11 36.92 12.83
CA GLU C 123 14.74 36.02 13.79
C GLU C 123 14.15 34.59 13.73
N ASN C 124 12.86 34.52 13.41
CA ASN C 124 12.12 33.26 13.34
C ASN C 124 12.41 32.38 12.11
N ILE C 125 13.28 32.86 11.21
CA ILE C 125 13.61 32.11 9.99
C ILE C 125 14.94 31.38 10.04
N SER C 126 14.89 30.08 9.76
CA SER C 126 16.09 29.26 9.61
C SER C 126 16.13 28.77 8.18
N LEU C 127 17.30 28.35 7.75
CA LEU C 127 17.52 27.86 6.41
C LEU C 127 18.14 26.47 6.42
N CYS C 128 17.78 25.68 5.42
CA CYS C 128 18.38 24.37 5.19
C CYS C 128 18.85 24.32 3.76
N GLN C 129 20.15 24.15 3.57
CA GLN C 129 20.72 24.06 2.24
C GLN C 129 20.75 22.60 1.83
N ALA C 130 19.98 22.27 0.80
CA ALA C 130 19.89 20.92 0.28
C ALA C 130 21.14 20.64 -0.50
N LYS C 131 21.79 19.53 -0.22
CA LYS C 131 23.01 19.18 -0.93
C LYS C 131 22.70 18.96 -2.40
N LEU C 132 23.52 19.55 -3.26
CA LEU C 132 23.44 19.34 -4.70
C LEU C 132 24.82 18.89 -5.20
N ASP C 133 25.14 17.63 -4.96
CA ASP C 133 26.45 17.09 -5.29
C ASP C 133 26.65 16.88 -6.78
N ILE C 134 25.59 16.97 -7.58
CA ILE C 134 25.75 16.77 -9.02
C ILE C 134 25.60 18.08 -9.80
N ALA C 135 26.51 18.32 -10.73
CA ALA C 135 26.52 19.56 -11.51
C ALA C 135 25.17 19.77 -12.23
N PHE C 136 24.76 21.03 -12.31
CA PHE C 136 23.57 21.44 -13.06
C PHE C 136 22.26 20.93 -12.43
N GLY C 137 22.35 20.45 -11.19
CA GLY C 137 21.18 20.14 -10.39
C GLY C 137 20.62 21.39 -9.71
N THR C 138 19.32 21.37 -9.43
CA THR C 138 18.68 22.43 -8.68
C THR C 138 17.80 21.80 -7.64
N HIS C 139 17.56 22.53 -6.55
CA HIS C 139 16.53 22.14 -5.59
C HIS C 139 15.23 22.75 -6.10
N HIS C 140 14.45 21.98 -6.85
CA HIS C 140 13.35 22.55 -7.62
C HIS C 140 11.96 22.29 -7.02
N THR C 141 11.88 21.38 -6.05
CA THR C 141 10.67 21.05 -5.34
C THR C 141 9.98 22.28 -4.77
N LYS C 142 8.66 22.36 -4.96
CA LYS C 142 7.84 23.37 -4.30
C LYS C 142 6.85 22.70 -3.36
N MET C 143 7.07 22.86 -2.06
CA MET C 143 6.24 22.19 -1.07
C MET C 143 6.17 23.05 0.21
N MET C 144 5.01 23.07 0.83
CA MET C 144 4.87 23.69 2.16
C MET C 144 4.51 22.60 3.14
N LEU C 145 5.20 22.59 4.28
CA LEU C 145 4.76 21.76 5.39
C LEU C 145 4.22 22.76 6.43
N LEU C 146 2.95 22.61 6.78
CA LEU C 146 2.27 23.55 7.65
C LEU C 146 1.82 22.83 8.94
N LEU C 147 2.52 23.10 10.03
CA LEU C 147 2.13 22.50 11.31
C LEU C 147 1.19 23.43 12.09
N TYR C 148 0.02 22.92 12.47
CA TYR C 148 -0.99 23.70 13.17
C TYR C 148 -1.26 23.13 14.54
N GLU C 149 -2.04 23.87 15.32
CA GLU C 149 -2.51 23.36 16.60
C GLU C 149 -3.43 22.17 16.37
N GLU C 150 -4.14 22.20 15.25
CA GLU C 150 -5.20 21.23 14.93
C GLU C 150 -4.73 20.04 14.10
N GLY C 151 -3.48 20.09 13.62
CA GLY C 151 -2.95 19.02 12.79
C GLY C 151 -1.86 19.51 11.84
N LEU C 152 -1.74 18.86 10.67
CA LEU C 152 -0.64 19.09 9.74
C LEU C 152 -1.22 19.11 8.33
N ARG C 153 -0.70 20.01 7.50
CA ARG C 153 -1.08 20.05 6.11
C ARG C 153 0.16 20.05 5.25
N VAL C 154 0.07 19.38 4.09
CA VAL C 154 1.12 19.34 3.11
C VAL C 154 0.53 19.98 1.86
N VAL C 155 1.28 20.92 1.31
CA VAL C 155 0.94 21.57 0.05
C VAL C 155 2.04 21.30 -0.95
N ILE C 156 1.69 20.71 -2.11
CA ILE C 156 2.68 20.50 -3.15
C ILE C 156 2.21 21.30 -4.37
N HIS C 157 3.09 22.14 -4.91
CA HIS C 157 2.62 23.15 -5.87
C HIS C 157 3.71 23.43 -6.92
N THR C 158 3.54 24.48 -7.75
CA THR C 158 4.48 24.68 -8.85
C THR C 158 5.15 26.05 -8.83
N SER C 159 4.80 26.86 -7.84
CA SER C 159 5.20 28.28 -7.87
C SER C 159 6.45 28.59 -7.02
N ASN C 160 7.35 29.40 -7.56
CA ASN C 160 8.44 29.96 -6.73
C ASN C 160 7.87 30.91 -5.69
N LEU C 161 8.63 31.17 -4.62
CA LEU C 161 8.12 32.05 -3.59
C LEU C 161 8.52 33.49 -3.86
N ILE C 162 7.99 34.04 -4.93
CA ILE C 162 8.31 35.38 -5.43
C ILE C 162 7.03 35.96 -6.00
N HIS C 163 6.89 37.29 -5.96
CA HIS C 163 5.59 37.87 -6.32
C HIS C 163 5.14 37.50 -7.74
N ALA C 164 6.07 37.52 -8.69
CA ALA C 164 5.70 37.33 -10.10
C ALA C 164 5.18 35.90 -10.42
N ASP C 165 5.53 34.92 -9.61
CA ASP C 165 5.00 33.59 -9.86
C ASP C 165 3.56 33.42 -9.48
N TRP C 166 3.04 34.34 -8.66
CA TRP C 166 1.69 34.24 -8.13
C TRP C 166 0.81 35.35 -8.67
N HIS C 167 1.30 36.11 -9.64
CA HIS C 167 0.57 37.28 -10.13
C HIS C 167 -0.28 36.98 -11.35
N GLN C 168 0.37 36.68 -12.48
CA GLN C 168 -0.36 36.46 -13.73
C GLN C 168 0.04 35.18 -14.47
N LYS C 169 0.43 34.15 -13.73
CA LYS C 169 0.80 32.87 -14.34
C LYS C 169 -0.26 31.79 -14.09
N THR C 170 -0.24 30.77 -14.94
CA THR C 170 -0.98 29.55 -14.62
C THR C 170 -0.09 28.63 -13.78
N GLN C 171 -0.49 28.39 -12.53
CA GLN C 171 0.29 27.52 -11.59
C GLN C 171 -0.69 26.54 -10.97
N GLY C 172 -0.18 25.37 -10.55
CA GLY C 172 -1.03 24.39 -9.87
C GLY C 172 -0.68 24.14 -8.42
N ILE C 173 -1.70 23.76 -7.65
CA ILE C 173 -1.57 23.49 -6.22
C ILE C 173 -2.29 22.21 -5.89
N TRP C 174 -1.66 21.32 -5.11
CA TRP C 174 -2.42 20.24 -4.47
C TRP C 174 -2.46 20.51 -2.97
N LEU C 175 -3.65 20.48 -2.38
CA LEU C 175 -3.78 20.64 -0.93
C LEU C 175 -4.12 19.33 -0.27
N SER C 176 -3.27 18.87 0.66
CA SER C 176 -3.58 17.69 1.44
C SER C 176 -4.80 18.02 2.34
N PRO C 177 -5.43 16.99 2.89
CA PRO C 177 -6.40 17.20 3.97
C PRO C 177 -5.67 17.70 5.23
N LEU C 178 -6.44 18.16 6.20
CA LEU C 178 -5.90 18.45 7.53
C LEU C 178 -5.66 17.12 8.20
N TYR C 179 -4.40 16.77 8.40
CA TYR C 179 -4.05 15.49 9.00
C TYR C 179 -4.05 15.66 10.53
N PRO C 180 -4.87 14.90 11.24
CA PRO C 180 -4.87 15.01 12.71
C PRO C 180 -3.67 14.31 13.34
N ARG C 181 -3.34 14.70 14.59
CA ARG C 181 -2.30 14.03 15.36
C ARG C 181 -2.81 12.64 15.77
N ILE C 182 -1.93 11.64 15.75
CA ILE C 182 -2.33 10.31 16.21
C ILE C 182 -2.48 10.33 17.74
N ALA C 183 -3.60 9.80 18.23
CA ALA C 183 -3.93 9.87 19.67
C ALA C 183 -2.79 9.41 20.60
N ASP C 184 -2.65 10.11 21.73
CA ASP C 184 -1.54 9.93 22.67
C ASP C 184 -1.24 8.50 23.10
N GLY C 185 -2.26 7.64 23.13
CA GLY C 185 -2.06 6.28 23.62
C GLY C 185 -2.47 5.21 22.63
N THR C 186 -2.28 5.49 21.34
CA THR C 186 -2.81 4.60 20.32
C THR C 186 -1.72 4.08 19.37
N HIS C 187 -1.99 2.91 18.77
CA HIS C 187 -1.00 2.24 17.93
C HIS C 187 -1.45 2.20 16.48
N LYS C 188 -1.19 3.29 15.74
CA LYS C 188 -1.50 3.28 14.32
C LYS C 188 -0.34 3.78 13.46
N SER C 189 -0.31 3.32 12.20
CA SER C 189 0.76 3.71 11.29
C SER C 189 0.47 5.12 10.74
N GLY C 190 -0.80 5.48 10.65
CA GLY C 190 -1.17 6.73 9.98
C GLY C 190 -0.92 6.69 8.50
N GLU C 191 -0.81 5.48 7.93
CA GLU C 191 -0.45 5.34 6.52
C GLU C 191 -1.67 5.26 5.58
N SER C 192 -1.56 5.78 4.36
CA SER C 192 -2.66 5.65 3.39
C SER C 192 -2.40 4.47 2.46
N PRO C 193 -3.44 4.03 1.74
CA PRO C 193 -3.24 2.98 0.74
C PRO C 193 -2.27 3.39 -0.36
N THR C 194 -1.99 4.69 -0.52
CA THR C 194 -1.04 5.10 -1.56
C THR C 194 0.41 5.17 -1.02
N HIS C 195 0.60 4.84 0.26
CA HIS C 195 1.90 4.85 0.93
C HIS C 195 2.49 6.25 1.00
N PHE C 196 1.61 7.26 0.98
CA PHE C 196 2.06 8.65 0.92
C PHE C 196 2.93 9.05 2.11
N LYS C 197 2.58 8.61 3.32
CA LYS C 197 3.34 8.97 4.52
C LYS C 197 4.77 8.42 4.48
N ALA C 198 4.92 7.12 4.26
CA ALA C 198 6.25 6.52 4.05
C ALA C 198 7.07 7.16 2.93
N ASN C 199 6.42 7.40 1.77
CA ASN C 199 7.09 7.94 0.61
C ASN C 199 7.60 9.36 0.87
N LEU C 200 6.82 10.13 1.62
CA LEU C 200 7.20 11.51 1.97
C LEU C 200 8.35 11.53 2.97
N ILE C 201 8.30 10.63 3.93
CA ILE C 201 9.41 10.49 4.87
C ILE C 201 10.68 10.07 4.15
N SER C 202 10.55 9.16 3.17
CA SER C 202 11.71 8.72 2.40
C SER C 202 12.29 9.87 1.61
N TYR C 203 11.41 10.67 1.01
CA TYR C 203 11.85 11.87 0.28
C TYR C 203 12.61 12.84 1.22
N LEU C 204 12.06 13.13 2.39
CA LEU C 204 12.77 14.01 3.30
C LEU C 204 14.06 13.37 3.81
N THR C 205 14.04 12.05 4.00
CA THR C 205 15.22 11.37 4.54
C THR C 205 16.42 11.46 3.60
N ALA C 206 16.16 11.55 2.31
CA ALA C 206 17.25 11.64 1.36
C ALA C 206 18.04 12.94 1.45
N TYR C 207 17.49 13.98 2.10
CA TYR C 207 18.25 15.23 2.22
C TYR C 207 19.40 15.09 3.21
N ASN C 208 19.26 14.11 4.09
CA ASN C 208 20.23 13.90 5.17
C ASN C 208 20.52 15.20 5.92
N ALA C 209 19.46 15.91 6.30
CA ALA C 209 19.57 17.23 6.91
C ALA C 209 18.96 17.28 8.30
N PRO C 210 19.71 17.81 9.26
CA PRO C 210 19.21 17.90 10.64
C PRO C 210 17.91 18.62 10.80
N SER C 211 17.69 19.74 10.09
CA SER C 211 16.47 20.48 10.38
C SER C 211 15.25 19.77 9.78
N LEU C 212 15.49 18.84 8.85
CA LEU C 212 14.37 18.09 8.28
C LEU C 212 14.02 16.85 9.13
N LYS C 213 14.93 16.44 10.02
CA LYS C 213 14.66 15.29 10.86
C LYS C 213 13.53 15.65 11.81
N GLU C 214 13.50 16.91 12.23
CA GLU C 214 12.42 17.38 13.09
C GLU C 214 11.07 17.32 12.36
N TRP C 215 11.11 17.59 11.06
CA TRP C 215 9.89 17.56 10.25
C TRP C 215 9.46 16.13 9.99
N ILE C 216 10.42 15.25 9.76
CA ILE C 216 10.17 13.80 9.65
C ILE C 216 9.49 13.29 10.94
N ASP C 217 10.01 13.68 12.10
CA ASP C 217 9.40 13.28 13.35
C ASP C 217 7.98 13.80 13.53
N VAL C 218 7.73 15.01 13.01
CA VAL C 218 6.42 15.60 13.07
C VAL C 218 5.46 14.76 12.20
N ILE C 219 5.91 14.42 11.00
CA ILE C 219 5.06 13.62 10.09
C ILE C 219 4.72 12.25 10.72
N HIS C 220 5.71 11.62 11.34
CA HIS C 220 5.50 10.33 12.05
C HIS C 220 4.34 10.42 13.03
N LYS C 221 4.18 11.59 13.63
CA LYS C 221 3.18 11.75 14.67
C LYS C 221 1.77 12.02 14.15
N HIS C 222 1.61 12.20 12.85
CA HIS C 222 0.31 12.51 12.30
C HIS C 222 -0.29 11.38 11.46
N ASP C 223 -1.61 11.45 11.32
CA ASP C 223 -2.39 10.46 10.58
C ASP C 223 -2.63 10.93 9.15
N LEU C 224 -1.91 10.35 8.20
CA LEU C 224 -2.01 10.76 6.79
C LEU C 224 -2.87 9.77 5.99
N SER C 225 -3.66 8.97 6.68
CA SER C 225 -4.36 7.84 6.06
C SER C 225 -5.42 8.25 5.02
N GLU C 226 -5.97 9.46 5.14
CA GLU C 226 -6.96 9.92 4.16
C GLU C 226 -6.39 10.28 2.77
N THR C 227 -5.07 10.29 2.61
CA THR C 227 -4.42 10.72 1.36
C THR C 227 -4.77 9.83 0.19
N ASN C 228 -5.23 10.43 -0.90
CA ASN C 228 -5.61 9.59 -2.06
C ASN C 228 -4.73 9.79 -3.32
N VAL C 229 -3.59 10.46 -3.17
CA VAL C 229 -2.65 10.66 -4.28
C VAL C 229 -1.35 9.91 -4.05
N TYR C 230 -0.60 9.65 -5.12
CA TYR C 230 0.71 9.02 -4.97
C TYR C 230 1.79 10.11 -5.08
N LEU C 231 2.81 10.03 -4.22
CA LEU C 231 3.95 10.95 -4.32
C LEU C 231 4.99 10.51 -5.36
N ILE C 232 5.37 11.42 -6.24
CA ILE C 232 6.45 11.12 -7.19
C ILE C 232 7.57 12.12 -6.98
N GLY C 233 8.74 11.64 -6.56
CA GLY C 233 9.86 12.54 -6.24
C GLY C 233 11.08 12.25 -7.10
N SER C 234 11.93 13.26 -7.23
CA SER C 234 13.28 13.08 -7.75
C SER C 234 14.21 13.59 -6.66
N THR C 235 15.36 12.91 -6.48
CA THR C 235 16.44 13.43 -5.64
C THR C 235 17.75 13.16 -6.39
N PRO C 236 18.77 13.95 -6.14
CA PRO C 236 20.03 13.83 -6.88
C PRO C 236 20.70 12.50 -6.55
N GLY C 237 21.20 11.81 -7.56
CA GLY C 237 21.96 10.60 -7.31
C GLY C 237 22.11 9.72 -8.53
N ARG C 238 22.79 8.60 -8.33
CA ARG C 238 22.90 7.56 -9.33
C ARG C 238 22.34 6.31 -8.68
N PHE C 239 21.25 5.78 -9.25
CA PHE C 239 20.46 4.76 -8.58
C PHE C 239 20.56 3.43 -9.31
N GLN C 240 20.89 2.39 -8.55
CA GLN C 240 21.18 1.07 -9.13
C GLN C 240 20.19 0.03 -8.63
N GLY C 241 19.91 -0.95 -9.48
CA GLY C 241 19.07 -2.07 -9.08
C GLY C 241 17.69 -1.68 -8.60
N SER C 242 17.31 -2.21 -7.44
CA SER C 242 15.97 -1.95 -6.90
C SER C 242 15.73 -0.45 -6.72
N GLN C 243 16.79 0.29 -6.42
CA GLN C 243 16.75 1.72 -6.15
C GLN C 243 16.26 2.58 -7.31
N LYS C 244 16.34 2.06 -8.53
CA LYS C 244 15.87 2.80 -9.70
C LYS C 244 14.40 3.16 -9.62
N ASP C 245 13.58 2.25 -9.10
CA ASP C 245 12.14 2.48 -9.00
C ASP C 245 11.72 3.57 -8.02
N ASN C 246 12.65 4.08 -7.23
CA ASN C 246 12.30 4.99 -6.13
C ASN C 246 11.97 6.44 -6.58
N TRP C 247 12.59 6.84 -7.69
CA TRP C 247 12.66 8.24 -8.14
C TRP C 247 12.47 8.46 -9.64
N GLY C 248 12.08 9.69 -10.00
CA GLY C 248 12.04 10.11 -11.39
C GLY C 248 11.09 9.30 -12.26
N HIS C 249 11.41 9.17 -13.53
CA HIS C 249 10.47 8.54 -14.42
C HIS C 249 10.31 7.03 -14.17
N PHE C 250 11.33 6.41 -13.58
CA PHE C 250 11.19 5.00 -13.19
C PHE C 250 10.20 4.83 -12.04
N ARG C 251 10.10 5.83 -11.17
CA ARG C 251 9.11 5.82 -10.11
C ARG C 251 7.70 5.88 -10.71
N LEU C 252 7.50 6.78 -11.66
CA LEU C 252 6.22 6.87 -12.34
C LEU C 252 5.91 5.53 -13.03
N LYS C 253 6.90 4.98 -13.71
CA LYS C 253 6.70 3.71 -14.45
C LYS C 253 6.24 2.61 -13.50
N LYS C 254 6.90 2.51 -12.34
CA LYS C 254 6.54 1.53 -11.33
C LYS C 254 5.10 1.70 -10.82
N LEU C 255 4.68 2.94 -10.60
CA LEU C 255 3.33 3.17 -10.12
C LEU C 255 2.26 2.83 -11.18
N LEU C 256 2.57 3.11 -12.44
CA LEU C 256 1.62 2.93 -13.53
C LEU C 256 1.48 1.42 -13.81
N LYS C 257 2.59 0.71 -13.66
CA LYS C 257 2.58 -0.74 -13.78
C LYS C 257 1.72 -1.38 -12.71
N ASP C 258 1.90 -0.95 -11.46
CA ASP C 258 1.23 -1.58 -10.32
C ASP C 258 -0.23 -1.15 -10.08
N HIS C 259 -0.60 0.09 -10.45
CA HIS C 259 -1.89 0.66 -10.01
C HIS C 259 -2.75 1.23 -11.12
N ALA C 260 -2.39 0.97 -12.36
CA ALA C 260 -3.24 1.33 -13.47
C ALA C 260 -3.54 0.05 -14.25
N SER C 261 -4.66 0.01 -14.96
CA SER C 261 -4.94 -1.16 -15.80
C SER C 261 -4.87 -0.75 -17.25
N SER C 262 -4.47 -1.67 -18.12
CA SER C 262 -4.45 -1.38 -19.55
C SER C 262 -5.81 -1.66 -20.19
N MET C 263 -6.08 -1.07 -21.35
CA MET C 263 -7.40 -1.14 -21.96
C MET C 263 -7.38 -1.68 -23.39
N SER C 268 -2.85 3.76 -28.61
CA SER C 268 -3.83 4.71 -29.10
C SER C 268 -4.19 5.86 -28.13
N TRP C 269 -4.03 5.64 -26.83
CA TRP C 269 -4.22 6.71 -25.87
C TRP C 269 -2.92 7.53 -25.85
N PRO C 270 -3.01 8.80 -26.21
CA PRO C 270 -1.83 9.69 -26.27
C PRO C 270 -1.27 9.99 -24.89
N VAL C 271 -0.06 10.54 -24.87
CA VAL C 271 0.60 11.02 -23.67
C VAL C 271 0.69 12.53 -23.87
N VAL C 272 0.36 13.31 -22.84
CA VAL C 272 0.49 14.76 -22.93
C VAL C 272 1.48 15.21 -21.86
N GLY C 273 2.43 16.06 -22.25
CA GLY C 273 3.40 16.64 -21.30
C GLY C 273 3.37 18.15 -21.49
N GLN C 274 3.44 18.90 -20.38
CA GLN C 274 3.19 20.34 -20.41
C GLN C 274 4.12 20.93 -19.32
N PHE C 275 4.97 21.87 -19.71
CA PHE C 275 6.12 22.25 -18.86
C PHE C 275 6.60 23.63 -19.25
N SER C 276 7.57 24.15 -18.51
CA SER C 276 7.99 25.52 -18.74
C SER C 276 9.50 25.66 -18.91
N SER C 277 10.21 24.54 -18.80
CA SER C 277 11.64 24.53 -19.06
C SER C 277 11.96 23.27 -19.84
N VAL C 278 12.98 23.33 -20.70
CA VAL C 278 13.30 22.25 -21.60
C VAL C 278 14.79 21.98 -21.50
N GLY C 279 15.15 20.76 -21.08
CA GLY C 279 16.54 20.37 -20.98
C GLY C 279 17.13 20.00 -22.33
N SER C 280 18.41 19.63 -22.35
CA SER C 280 19.05 19.12 -23.56
C SER C 280 18.67 17.64 -23.74
N LEU C 281 17.83 17.33 -24.72
CA LEU C 281 17.27 15.97 -24.76
C LEU C 281 18.04 14.99 -25.65
N GLY C 282 19.06 15.48 -26.35
CA GLY C 282 19.85 14.62 -27.21
C GLY C 282 19.66 14.92 -28.68
N ALA C 283 20.56 14.37 -29.49
CA ALA C 283 20.62 14.65 -30.93
C ALA C 283 19.37 14.23 -31.70
N ASP C 284 18.62 13.27 -31.17
CA ASP C 284 17.33 12.89 -31.77
C ASP C 284 16.37 12.25 -30.75
N GLU C 285 15.11 12.09 -31.18
CA GLU C 285 14.04 11.60 -30.34
C GLU C 285 14.29 10.22 -29.71
N SER C 286 15.17 9.42 -30.32
CA SER C 286 15.44 8.08 -29.80
C SER C 286 16.46 8.02 -28.65
N LYS C 287 17.11 9.15 -28.35
CA LYS C 287 18.16 9.13 -27.33
C LYS C 287 17.61 9.11 -25.90
N TRP C 288 16.43 9.69 -25.73
CA TRP C 288 15.81 9.79 -24.40
C TRP C 288 14.30 9.99 -24.44
N LEU C 289 13.84 10.98 -25.22
CA LEU C 289 12.43 11.35 -25.21
C LEU C 289 11.51 10.18 -25.54
N CYS C 290 11.75 9.57 -26.69
CA CYS C 290 10.86 8.49 -27.14
C CYS C 290 11.32 7.12 -26.69
N SER C 291 12.55 7.02 -26.18
CA SER C 291 13.02 5.74 -25.68
C SER C 291 12.65 5.55 -24.22
N GLU C 292 13.43 6.08 -23.30
CA GLU C 292 13.18 5.79 -21.90
C GLU C 292 12.05 6.66 -21.30
N PHE C 293 11.91 7.89 -21.75
CA PHE C 293 10.91 8.78 -21.17
C PHE C 293 9.48 8.45 -21.59
N LYS C 294 9.22 8.43 -22.90
CA LYS C 294 7.89 8.03 -23.35
C LYS C 294 7.56 6.60 -22.89
N GLU C 295 8.57 5.74 -22.84
CA GLU C 295 8.35 4.36 -22.41
C GLU C 295 7.80 4.29 -21.00
N SER C 296 8.30 5.14 -20.11
CA SER C 296 7.76 5.15 -18.77
C SER C 296 6.33 5.69 -18.80
N MET C 297 6.10 6.78 -19.54
CA MET C 297 4.81 7.46 -19.52
C MET C 297 3.68 6.67 -20.13
N LEU C 298 3.97 5.75 -21.04
CA LEU C 298 2.90 5.00 -21.69
C LEU C 298 2.60 3.65 -21.01
N THR C 299 3.38 3.31 -20.00
CA THR C 299 3.16 2.12 -19.19
C THR C 299 1.76 2.12 -18.58
N LEU C 300 1.09 0.97 -18.66
CA LEU C 300 -0.18 0.74 -18.00
C LEU C 300 -0.26 -0.73 -17.58
N GLY C 301 -0.52 -1.00 -16.31
CA GLY C 301 -0.62 -2.39 -15.87
C GLY C 301 0.62 -3.26 -16.10
N VAL C 312 2.08 5.35 -30.18
CA VAL C 312 1.46 6.24 -29.20
C VAL C 312 1.83 7.69 -29.47
N PRO C 313 0.83 8.52 -29.75
CA PRO C 313 1.04 9.95 -30.01
C PRO C 313 1.57 10.67 -28.76
N LEU C 314 2.53 11.55 -28.96
CA LEU C 314 3.11 12.31 -27.86
C LEU C 314 2.81 13.77 -28.13
N TYR C 315 2.08 14.43 -27.22
CA TYR C 315 1.83 15.88 -27.35
C TYR C 315 2.63 16.65 -26.30
N LEU C 316 3.46 17.59 -26.73
CA LEU C 316 4.18 18.44 -25.76
C LEU C 316 3.63 19.86 -25.83
N ILE C 317 3.29 20.43 -24.69
CA ILE C 317 2.69 21.76 -24.68
C ILE C 317 3.68 22.75 -24.09
N TYR C 318 4.06 23.76 -24.86
CA TYR C 318 5.08 24.75 -24.45
C TYR C 318 4.80 26.06 -25.20
N PRO C 319 4.72 27.20 -24.50
CA PRO C 319 4.35 28.46 -25.15
C PRO C 319 5.21 28.82 -26.39
N SER C 320 4.52 29.20 -27.46
CA SER C 320 5.16 29.83 -28.59
C SER C 320 5.48 31.30 -28.30
N VAL C 321 6.23 31.93 -29.19
CA VAL C 321 6.53 33.35 -29.04
C VAL C 321 5.26 34.16 -29.07
N GLU C 322 4.35 33.82 -29.96
CA GLU C 322 3.09 34.55 -30.01
C GLU C 322 2.28 34.43 -28.71
N ASN C 323 2.28 33.25 -28.09
CA ASN C 323 1.60 33.07 -26.81
C ASN C 323 2.15 34.06 -25.77
N VAL C 324 3.48 34.12 -25.68
CA VAL C 324 4.15 35.01 -24.72
C VAL C 324 3.93 36.46 -25.08
N ARG C 325 4.15 36.81 -26.35
CA ARG C 325 4.00 38.20 -26.78
C ARG C 325 2.64 38.78 -26.39
N THR C 326 1.57 38.01 -26.56
CA THR C 326 0.24 38.55 -26.30
C THR C 326 -0.34 38.16 -24.95
N SER C 327 0.51 37.75 -24.01
CA SER C 327 0.06 37.37 -22.67
C SER C 327 -0.27 38.58 -21.79
N LEU C 328 -0.76 38.31 -20.59
CA LEU C 328 -1.05 39.39 -19.67
C LEU C 328 0.26 40.13 -19.35
N GLU C 329 1.34 39.36 -19.23
CA GLU C 329 2.60 39.97 -18.80
C GLU C 329 3.39 40.53 -19.99
N GLY C 330 3.10 39.99 -21.16
CA GLY C 330 3.90 40.25 -22.35
C GLY C 330 5.22 39.49 -22.32
N TYR C 331 6.22 40.02 -23.01
CA TYR C 331 7.51 39.36 -23.12
C TYR C 331 8.15 38.97 -21.75
N PRO C 332 8.02 39.77 -20.70
CA PRO C 332 8.61 39.37 -19.41
C PRO C 332 8.06 38.06 -18.83
N ALA C 333 6.92 37.57 -19.32
CA ALA C 333 6.52 36.19 -18.97
C ALA C 333 7.65 35.21 -19.32
N GLY C 334 8.41 35.57 -20.35
CA GLY C 334 9.50 34.77 -20.86
C GLY C 334 10.64 34.64 -19.86
N GLY C 335 10.67 35.50 -18.83
CA GLY C 335 11.67 35.38 -17.79
C GLY C 335 11.52 34.10 -16.96
N SER C 336 10.38 33.43 -17.12
CA SER C 336 10.07 32.19 -16.39
C SER C 336 9.94 30.99 -17.33
N LEU C 337 10.33 31.21 -18.59
CA LEU C 337 10.40 30.16 -19.63
C LEU C 337 11.81 30.11 -20.23
N PRO C 338 12.74 29.57 -19.47
CA PRO C 338 14.17 29.80 -19.75
C PRO C 338 14.80 28.82 -20.76
N TYR C 339 14.13 28.56 -21.87
CA TYR C 339 14.65 27.73 -22.95
C TYR C 339 15.67 28.56 -23.72
N SER C 340 16.91 28.08 -23.79
CA SER C 340 17.99 28.86 -24.40
C SER C 340 18.26 28.45 -25.84
N ILE C 341 18.72 29.42 -26.64
CA ILE C 341 19.01 29.14 -28.05
C ILE C 341 20.10 28.07 -28.18
N GLN C 342 21.04 28.04 -27.23
CA GLN C 342 22.13 27.05 -27.19
C GLN C 342 21.59 25.62 -27.08
N THR C 343 20.55 25.45 -26.26
CA THR C 343 19.87 24.17 -26.13
C THR C 343 18.99 23.87 -27.32
N ALA C 344 18.16 24.83 -27.70
CA ALA C 344 17.19 24.68 -28.79
C ALA C 344 17.83 24.32 -30.13
N GLU C 345 19.00 24.90 -30.41
CA GLU C 345 19.58 24.66 -31.72
C GLU C 345 20.16 23.24 -31.86
N LYS C 346 20.33 22.54 -30.73
CA LYS C 346 20.86 21.18 -30.75
C LYS C 346 19.78 20.15 -31.08
N GLN C 347 18.51 20.58 -30.98
CA GLN C 347 17.42 19.61 -30.97
C GLN C 347 16.19 20.16 -31.66
N ASN C 348 16.37 20.70 -32.86
CA ASN C 348 15.24 21.23 -33.59
C ASN C 348 14.14 20.21 -33.87
N TRP C 349 14.52 18.93 -33.84
CA TRP C 349 13.57 17.84 -34.07
C TRP C 349 12.45 17.85 -33.04
N LEU C 350 12.80 18.26 -31.82
CA LEU C 350 11.85 18.31 -30.69
C LEU C 350 10.62 19.19 -30.99
N HIS C 351 10.84 20.24 -31.76
CA HIS C 351 9.81 21.27 -31.92
C HIS C 351 8.62 20.84 -32.76
N SER C 352 8.77 19.71 -33.44
CA SER C 352 7.68 19.12 -34.19
C SER C 352 6.59 18.56 -33.27
N TYR C 353 6.94 18.32 -32.00
CA TYR C 353 5.96 17.85 -31.02
C TYR C 353 5.27 18.97 -30.26
N PHE C 354 5.67 20.21 -30.52
CA PHE C 354 5.23 21.33 -29.70
C PHE C 354 3.84 21.81 -30.06
N HIS C 355 3.04 22.03 -29.02
CA HIS C 355 1.69 22.52 -29.17
C HIS C 355 1.55 23.80 -28.35
N LYS C 356 0.70 24.70 -28.82
CA LYS C 356 0.42 25.99 -28.17
C LYS C 356 -0.20 25.89 -26.79
N TRP C 357 0.07 26.90 -25.98
CA TRP C 357 -0.68 27.07 -24.73
C TRP C 357 -2.03 27.66 -25.08
N SER C 358 -3.08 26.97 -24.65
CA SER C 358 -4.44 27.45 -24.83
C SER C 358 -5.23 26.98 -23.62
N ALA C 359 -5.93 27.89 -22.94
CA ALA C 359 -6.61 27.55 -21.68
C ALA C 359 -7.94 28.31 -21.50
N GLU C 360 -8.76 28.30 -22.56
CA GLU C 360 -10.06 28.97 -22.55
C GLU C 360 -10.92 28.37 -21.46
N THR C 361 -10.78 27.06 -21.28
CA THR C 361 -11.49 26.34 -20.24
C THR C 361 -11.34 26.98 -18.85
N SER C 362 -10.17 27.56 -18.56
CA SER C 362 -9.97 28.21 -17.26
C SER C 362 -9.70 29.70 -17.38
N GLY C 363 -9.96 30.25 -18.58
CA GLY C 363 -9.81 31.69 -18.78
C GLY C 363 -8.37 32.13 -18.68
N ARG C 364 -7.46 31.20 -18.98
CA ARG C 364 -6.03 31.44 -18.72
C ARG C 364 -5.15 31.35 -19.97
N SER C 365 -5.73 31.51 -21.16
CA SER C 365 -4.89 31.47 -22.34
C SER C 365 -3.81 32.55 -22.32
N ASN C 366 -4.06 33.64 -21.64
CA ASN C 366 -3.11 34.77 -21.58
C ASN C 366 -2.29 34.78 -20.28
N ALA C 367 -2.46 33.72 -19.47
CA ALA C 367 -1.69 33.57 -18.23
C ALA C 367 -0.65 32.48 -18.47
N MET C 368 0.59 32.88 -18.70
CA MET C 368 1.55 31.90 -19.18
C MET C 368 1.78 30.80 -18.14
N PRO C 369 1.94 29.57 -18.61
CA PRO C 369 2.07 28.44 -17.69
C PRO C 369 3.42 28.36 -16.97
N HIS C 370 3.39 28.20 -15.66
CA HIS C 370 4.55 27.73 -14.92
C HIS C 370 4.22 26.40 -14.24
N ILE C 371 2.94 26.02 -14.28
CA ILE C 371 2.53 24.67 -13.90
C ILE C 371 3.23 23.65 -14.82
N LYS C 372 3.45 22.44 -14.33
CA LYS C 372 3.94 21.32 -15.15
C LYS C 372 2.97 20.17 -14.90
N THR C 373 2.51 19.55 -16.00
CA THR C 373 1.53 18.48 -15.89
C THR C 373 1.80 17.42 -16.93
N TYR C 374 1.47 16.18 -16.60
CA TYR C 374 1.61 15.05 -17.52
C TYR C 374 0.36 14.23 -17.39
N MET C 375 -0.15 13.69 -18.49
CA MET C 375 -1.37 12.90 -18.37
C MET C 375 -1.60 11.99 -19.55
N ARG C 376 -2.62 11.15 -19.46
CA ARG C 376 -2.83 10.11 -20.47
C ARG C 376 -4.28 10.09 -20.89
N PRO C 377 -4.65 10.95 -21.85
CA PRO C 377 -6.05 11.04 -22.27
C PRO C 377 -6.41 9.91 -23.24
N SER C 378 -7.70 9.63 -23.32
CA SER C 378 -8.22 8.70 -24.33
C SER C 378 -8.06 9.33 -25.72
N PRO C 379 -8.25 8.54 -26.79
CA PRO C 379 -8.08 9.07 -28.16
C PRO C 379 -8.97 10.29 -28.47
N ASP C 380 -10.15 10.38 -27.83
CA ASP C 380 -11.02 11.53 -28.06
C ASP C 380 -10.91 12.61 -26.99
N PHE C 381 -9.94 12.45 -26.09
CA PHE C 381 -9.66 13.43 -25.03
C PHE C 381 -10.80 13.67 -24.03
N SER C 382 -11.77 12.75 -23.96
CA SER C 382 -12.89 12.92 -23.03
C SER C 382 -12.65 12.29 -21.67
N LYS C 383 -11.67 11.41 -21.57
CA LYS C 383 -11.32 10.90 -20.24
C LYS C 383 -9.82 10.78 -20.13
N ILE C 384 -9.31 10.49 -18.94
CA ILE C 384 -7.88 10.27 -18.75
C ILE C 384 -7.64 9.06 -17.85
N ALA C 385 -6.52 8.39 -18.07
CA ALA C 385 -6.16 7.21 -17.30
C ALA C 385 -5.45 7.65 -16.02
N TRP C 386 -4.91 8.88 -16.04
CA TRP C 386 -4.19 9.44 -14.88
C TRP C 386 -3.76 10.87 -15.16
N PHE C 387 -3.41 11.59 -14.08
CA PHE C 387 -2.95 12.97 -14.22
C PHE C 387 -1.88 13.21 -13.16
N LEU C 388 -0.86 13.96 -13.51
CA LEU C 388 0.26 14.26 -12.62
C LEU C 388 0.49 15.77 -12.62
N VAL C 389 0.49 16.39 -11.43
CA VAL C 389 0.97 17.77 -11.33
C VAL C 389 2.29 17.71 -10.56
N THR C 390 3.32 18.41 -11.05
CA THR C 390 4.66 18.27 -10.47
C THR C 390 5.49 19.51 -10.72
N SER C 391 6.60 19.61 -10.01
CA SER C 391 7.58 20.64 -10.29
C SER C 391 8.52 20.26 -11.46
N ALA C 392 8.49 19.01 -11.90
CA ALA C 392 9.43 18.52 -12.92
C ALA C 392 9.14 19.00 -14.35
N ASN C 393 10.08 19.74 -14.93
CA ASN C 393 10.04 20.15 -16.33
C ASN C 393 10.54 19.04 -17.28
N LEU C 394 10.62 19.37 -18.56
CA LEU C 394 11.00 18.35 -19.55
C LEU C 394 12.52 18.32 -19.64
N SER C 395 13.13 17.69 -18.66
CA SER C 395 14.60 17.60 -18.62
C SER C 395 15.05 16.25 -18.06
N LYS C 396 16.22 15.78 -18.50
CA LYS C 396 16.86 14.63 -17.88
C LYS C 396 17.25 14.95 -16.47
N ALA C 397 17.57 16.22 -16.22
CA ALA C 397 17.98 16.66 -14.89
C ALA C 397 16.90 16.36 -13.84
N ALA C 398 15.64 16.61 -14.23
CA ALA C 398 14.49 16.44 -13.37
C ALA C 398 13.99 14.98 -13.35
N TRP C 399 13.98 14.33 -14.51
CA TRP C 399 13.29 13.04 -14.65
C TRP C 399 14.20 11.83 -14.53
N GLY C 400 15.48 12.04 -14.82
CA GLY C 400 16.45 10.95 -14.77
C GLY C 400 16.85 10.48 -16.15
N ALA C 401 18.11 10.08 -16.30
CA ALA C 401 18.57 9.50 -17.56
C ALA C 401 19.36 8.24 -17.25
N LEU C 402 19.22 7.24 -18.10
CA LEU C 402 19.90 5.96 -17.89
C LEU C 402 21.38 6.06 -18.23
N GLU C 403 22.23 5.50 -17.37
CA GLU C 403 23.68 5.54 -17.54
C GLU C 403 24.28 4.14 -17.43
N LYS C 404 25.56 4.00 -17.75
CA LYS C 404 26.27 2.72 -17.66
C LYS C 404 25.44 1.55 -18.20
N ASN C 405 25.22 1.57 -19.52
CA ASN C 405 24.46 0.51 -20.18
C ASN C 405 23.07 0.24 -19.59
N GLY C 406 22.48 1.26 -18.97
CA GLY C 406 21.12 1.16 -18.47
C GLY C 406 20.94 0.45 -17.15
N THR C 407 21.98 0.38 -16.33
CA THR C 407 21.87 -0.23 -15.00
C THR C 407 21.83 0.84 -13.92
N GLN C 408 21.98 2.09 -14.35
CA GLN C 408 22.07 3.24 -13.44
C GLN C 408 21.15 4.38 -13.92
N LEU C 409 20.32 4.89 -13.02
CA LEU C 409 19.50 6.07 -13.31
C LEU C 409 20.12 7.30 -12.67
N MET C 410 20.53 8.26 -13.49
CA MET C 410 21.13 9.49 -12.95
C MET C 410 20.13 10.66 -12.94
N ILE C 411 19.88 11.20 -11.75
CA ILE C 411 19.02 12.38 -11.57
C ILE C 411 19.85 13.52 -10.97
N ARG C 412 19.71 14.73 -11.51
CA ARG C 412 20.47 15.87 -11.03
C ARG C 412 19.82 16.64 -9.87
N SER C 413 18.48 16.59 -9.78
CA SER C 413 17.71 17.60 -9.04
C SER C 413 16.70 17.07 -8.01
N TYR C 414 16.19 17.96 -7.16
CA TYR C 414 15.04 17.63 -6.33
C TYR C 414 13.80 18.08 -7.07
N GLU C 415 12.82 17.19 -7.22
CA GLU C 415 11.49 17.50 -7.81
C GLU C 415 10.43 16.77 -7.00
N LEU C 416 9.18 17.24 -7.04
CA LEU C 416 8.11 16.55 -6.30
C LEU C 416 6.79 16.82 -7.00
N GLY C 417 6.01 15.76 -7.18
CA GLY C 417 4.68 15.87 -7.75
C GLY C 417 3.71 14.87 -7.13
N VAL C 418 2.44 15.01 -7.49
CA VAL C 418 1.42 14.09 -6.98
C VAL C 418 0.69 13.51 -8.16
N LEU C 419 0.54 12.20 -8.11
CA LEU C 419 -0.14 11.47 -9.17
C LEU C 419 -1.57 11.09 -8.78
N PHE C 420 -2.54 11.43 -9.62
CA PHE C 420 -3.95 11.08 -9.42
C PHE C 420 -4.26 9.86 -10.29
N LEU C 421 -4.51 8.72 -9.64
CA LEU C 421 -4.87 7.48 -10.31
C LEU C 421 -6.32 7.14 -9.97
N PRO C 422 -7.11 6.84 -10.99
CA PRO C 422 -8.48 6.37 -10.80
C PRO C 422 -8.61 5.26 -9.75
N SER C 423 -7.72 4.27 -9.76
CA SER C 423 -7.80 3.19 -8.76
C SER C 423 -7.82 3.70 -7.32
N ALA C 424 -7.18 4.84 -7.07
CA ALA C 424 -7.15 5.35 -5.71
C ALA C 424 -8.50 5.85 -5.25
N LEU C 425 -9.41 6.09 -6.20
CA LEU C 425 -10.78 6.45 -5.88
C LEU C 425 -11.77 5.34 -6.21
N GLY C 426 -11.29 4.18 -6.63
CA GLY C 426 -12.16 3.06 -6.94
C GLY C 426 -12.72 3.13 -8.34
N LEU C 427 -12.09 3.94 -9.18
CA LEU C 427 -12.51 4.12 -10.57
C LEU C 427 -11.56 3.50 -11.58
N ASP C 428 -11.98 3.49 -12.85
CA ASP C 428 -11.15 2.97 -13.94
C ASP C 428 -10.50 4.10 -14.74
N SER C 429 -11.16 5.25 -14.76
CA SER C 429 -10.67 6.38 -15.52
C SER C 429 -11.36 7.57 -14.94
N PHE C 430 -10.87 8.76 -15.24
CA PHE C 430 -11.55 9.99 -14.87
C PHE C 430 -12.15 10.63 -16.12
N LYS C 431 -13.34 11.19 -15.98
CA LYS C 431 -13.88 12.00 -17.07
C LYS C 431 -13.22 13.36 -16.97
N VAL C 432 -12.94 13.98 -18.12
CA VAL C 432 -12.34 15.30 -18.14
C VAL C 432 -13.46 16.30 -17.94
N LYS C 433 -13.26 17.20 -16.98
CA LYS C 433 -14.17 18.34 -16.84
C LYS C 433 -13.95 19.30 -18.01
N GLN C 434 -14.90 19.37 -18.93
CA GLN C 434 -14.79 20.21 -20.13
C GLN C 434 -14.67 21.72 -19.88
N LYS C 435 -15.21 22.18 -18.75
CA LYS C 435 -15.07 23.58 -18.37
C LYS C 435 -14.55 23.70 -16.92
N PHE C 436 -13.32 24.19 -16.77
CA PHE C 436 -12.66 24.17 -15.47
C PHE C 436 -13.56 24.74 -14.38
N ALA C 445 -15.40 12.49 -9.62
CA ALA C 445 -15.43 11.68 -10.84
C ALA C 445 -14.82 12.42 -12.03
N THR C 446 -14.88 13.75 -11.96
CA THR C 446 -14.55 14.57 -13.13
C THR C 446 -13.29 15.41 -12.89
N PHE C 447 -12.22 15.14 -13.64
CA PHE C 447 -10.95 15.80 -13.32
C PHE C 447 -10.78 17.16 -14.01
N PRO C 448 -10.45 18.21 -13.25
CA PRO C 448 -10.31 19.55 -13.83
C PRO C 448 -9.00 19.75 -14.59
N VAL C 449 -8.94 19.35 -15.86
CA VAL C 449 -7.78 19.66 -16.69
C VAL C 449 -7.77 21.17 -16.94
N PRO C 450 -6.67 21.86 -16.60
CA PRO C 450 -6.65 23.33 -16.62
C PRO C 450 -6.46 24.02 -18.00
N TYR C 451 -6.11 23.23 -19.03
CA TYR C 451 -5.93 23.74 -20.39
C TYR C 451 -6.81 22.98 -21.38
N ASP C 452 -6.90 23.52 -22.60
CA ASP C 452 -7.87 23.04 -23.60
C ASP C 452 -7.40 21.75 -24.27
N LEU C 453 -8.35 20.91 -24.65
CA LEU C 453 -8.04 19.69 -25.40
C LEU C 453 -8.94 19.66 -26.65
N PRO C 454 -8.44 19.06 -27.73
CA PRO C 454 -7.08 18.53 -27.80
C PRO C 454 -6.10 19.70 -27.91
N PRO C 455 -4.82 19.50 -27.61
CA PRO C 455 -3.83 20.57 -27.77
C PRO C 455 -3.66 20.93 -29.26
N GLU C 456 -3.39 22.20 -29.53
CA GLU C 456 -3.26 22.67 -30.92
C GLU C 456 -1.80 22.73 -31.37
N LEU C 457 -1.52 22.13 -32.52
CA LEU C 457 -0.17 22.14 -33.07
C LEU C 457 0.32 23.57 -33.37
N TYR C 458 1.62 23.81 -33.18
CA TYR C 458 2.22 25.06 -33.66
C TYR C 458 1.88 25.25 -35.15
N GLY C 459 1.53 26.46 -35.54
CA GLY C 459 1.39 26.83 -36.95
C GLY C 459 2.77 26.89 -37.61
N SER C 460 2.79 26.94 -38.95
CA SER C 460 4.05 26.93 -39.67
C SER C 460 4.94 28.12 -39.33
N LYS C 461 4.34 29.24 -38.93
CA LYS C 461 5.14 30.40 -38.57
C LYS C 461 5.46 30.53 -37.07
N ASP C 462 4.96 29.59 -36.26
CA ASP C 462 5.22 29.62 -34.82
C ASP C 462 6.62 29.14 -34.46
N ARG C 463 7.18 29.69 -33.37
CA ARG C 463 8.44 29.21 -32.84
C ARG C 463 8.27 29.03 -31.33
N PRO C 464 9.05 28.13 -30.73
CA PRO C 464 9.01 27.97 -29.27
C PRO C 464 9.55 29.27 -28.65
N TRP C 465 9.01 29.67 -27.49
CA TRP C 465 9.62 30.80 -26.81
C TRP C 465 11.03 30.42 -26.40
N ILE C 466 12.00 31.27 -26.80
CA ILE C 466 13.40 31.10 -26.41
C ILE C 466 13.84 32.38 -25.74
N TRP C 467 14.30 32.30 -24.48
CA TRP C 467 14.35 33.49 -23.66
C TRP C 467 15.54 34.39 -23.88
N ASN C 468 16.58 33.90 -24.55
CA ASN C 468 17.81 34.70 -24.65
C ASN C 468 18.15 35.16 -26.06
N ILE C 469 17.12 35.32 -26.90
CA ILE C 469 17.29 35.99 -28.19
C ILE C 469 16.33 37.16 -28.20
N PRO C 470 16.62 38.18 -29.03
CA PRO C 470 15.75 39.35 -29.08
C PRO C 470 14.45 39.17 -29.90
N TYR C 471 13.39 39.84 -29.48
CA TYR C 471 12.15 39.97 -30.24
C TYR C 471 11.84 41.45 -30.41
N VAL C 472 12.05 41.95 -31.63
CA VAL C 472 12.01 43.38 -31.87
C VAL C 472 11.15 43.74 -33.08
N LYS C 473 10.46 42.77 -33.66
CA LYS C 473 9.64 43.08 -34.85
C LYS C 473 8.20 43.44 -34.49
N ALA C 474 7.70 42.92 -33.37
CA ALA C 474 6.34 43.25 -32.91
C ALA C 474 6.37 43.53 -31.41
N PRO C 475 5.69 44.58 -30.97
CA PRO C 475 5.62 44.91 -29.55
C PRO C 475 4.68 43.95 -28.83
N ASP C 476 4.80 43.85 -27.51
CA ASP C 476 3.99 42.88 -26.79
C ASP C 476 2.78 43.63 -26.27
N THR C 477 2.06 42.98 -25.38
CA THR C 477 0.90 43.56 -24.75
C THR C 477 1.09 44.97 -24.17
N HIS C 478 2.30 45.29 -23.70
CA HIS C 478 2.50 46.55 -22.99
C HIS C 478 3.28 47.53 -23.87
N GLY C 479 3.39 47.21 -25.15
CA GLY C 479 4.11 48.06 -26.11
C GLY C 479 5.64 47.95 -26.12
N ASN C 480 6.17 46.87 -25.55
CA ASN C 480 7.61 46.74 -25.34
C ASN C 480 8.19 45.69 -26.25
N MET C 481 9.51 45.78 -26.48
CA MET C 481 10.25 44.75 -27.16
C MET C 481 11.01 43.91 -26.11
N TRP C 482 11.75 42.89 -26.56
CA TRP C 482 12.52 42.03 -25.67
C TRP C 482 13.95 41.95 -26.22
N VAL C 483 14.90 42.52 -25.48
CA VAL C 483 16.29 42.51 -25.91
C VAL C 483 17.16 42.12 -24.71
N PRO C 484 17.36 40.84 -24.51
CA PRO C 484 18.17 40.35 -23.39
C PRO C 484 19.62 40.80 -23.52
N SER C 485 20.31 41.11 -22.42
CA SER C 485 21.72 41.54 -22.46
C SER C 485 22.09 42.51 -21.33
N ASN D 39 -7.26 -2.34 21.62
CA ASN D 39 -6.63 -3.62 21.21
C ASN D 39 -6.50 -3.65 19.69
N PRO D 40 -5.28 -3.45 19.23
CA PRO D 40 -5.03 -3.35 17.79
C PRO D 40 -4.98 -4.71 17.12
N PHE D 41 -4.86 -5.81 17.87
CA PHE D 41 -4.67 -7.10 17.21
C PHE D 41 -5.99 -7.82 16.87
N GLN D 42 -6.95 -7.79 17.79
CA GLN D 42 -8.25 -8.44 17.60
C GLN D 42 -8.04 -9.94 17.28
N PHE D 43 -7.06 -10.52 17.99
CA PHE D 43 -6.75 -11.94 17.88
C PHE D 43 -7.30 -12.63 19.15
N TYR D 44 -8.16 -13.62 18.96
CA TYR D 44 -8.82 -14.32 20.06
C TYR D 44 -8.61 -15.83 19.95
N LEU D 45 -8.73 -16.52 21.09
CA LEU D 45 -8.82 -17.99 21.08
C LEU D 45 -10.28 -18.37 21.24
N THR D 46 -10.62 -19.57 20.82
CA THR D 46 -11.98 -20.07 21.06
C THR D 46 -12.13 -20.51 22.51
N ARG D 47 -13.38 -20.51 22.96
CA ARG D 47 -13.70 -20.99 24.30
C ARG D 47 -13.36 -22.48 24.42
N VAL D 48 -12.84 -22.88 25.59
CA VAL D 48 -12.48 -24.29 25.82
C VAL D 48 -13.32 -24.80 27.01
N SER D 49 -14.13 -25.81 26.76
CA SER D 49 -14.97 -26.34 27.84
C SER D 49 -14.12 -27.05 28.88
N GLY D 50 -14.23 -26.60 30.11
CA GLY D 50 -13.66 -27.32 31.22
C GLY D 50 -12.59 -26.57 31.96
N VAL D 51 -11.94 -25.61 31.29
CA VAL D 51 -10.93 -24.77 31.95
C VAL D 51 -11.57 -23.75 32.90
N LYS D 52 -10.79 -23.27 33.87
CA LYS D 52 -11.24 -22.21 34.78
C LYS D 52 -11.70 -21.01 33.96
N PRO D 53 -12.75 -20.34 34.47
CA PRO D 53 -13.36 -19.17 33.83
C PRO D 53 -12.36 -18.11 33.40
N LYS D 54 -11.31 -17.88 34.19
CA LYS D 54 -10.30 -16.88 33.85
C LYS D 54 -9.62 -17.12 32.48
N TYR D 55 -9.57 -18.38 32.05
CA TYR D 55 -9.00 -18.74 30.74
C TYR D 55 -10.01 -18.67 29.59
N ASN D 56 -11.28 -18.41 29.90
CA ASN D 56 -12.29 -18.20 28.87
C ASN D 56 -12.85 -16.77 28.87
N SER D 57 -12.41 -15.95 29.83
CA SER D 57 -13.00 -14.60 29.94
C SER D 57 -12.77 -13.73 28.69
N GLY D 58 -11.62 -13.87 28.02
CA GLY D 58 -11.43 -13.16 26.77
C GLY D 58 -11.51 -14.03 25.49
N ALA D 59 -12.09 -15.22 25.60
CA ALA D 59 -12.16 -16.12 24.45
C ALA D 59 -13.55 -16.04 23.84
N LEU D 60 -13.71 -16.56 22.61
CA LEU D 60 -14.99 -16.43 21.90
C LEU D 60 -15.47 -17.77 21.44
N HIS D 61 -16.76 -18.04 21.64
CA HIS D 61 -17.36 -19.20 21.01
C HIS D 61 -18.06 -18.74 19.72
N ILE D 62 -18.34 -19.66 18.79
CA ILE D 62 -19.03 -19.26 17.56
C ILE D 62 -20.37 -18.55 17.85
N LYS D 63 -21.05 -18.99 18.90
CA LYS D 63 -22.29 -18.32 19.30
C LYS D 63 -22.08 -16.85 19.64
N ASP D 64 -20.92 -16.50 20.23
CA ASP D 64 -20.57 -15.10 20.52
C ASP D 64 -20.37 -14.33 19.21
N ILE D 65 -19.66 -14.94 18.26
CA ILE D 65 -19.34 -14.25 17.00
C ILE D 65 -20.59 -13.91 16.21
N LEU D 66 -21.55 -14.82 16.22
CA LEU D 66 -22.78 -14.65 15.47
C LEU D 66 -23.87 -13.84 16.19
N SER D 67 -23.60 -13.43 17.43
CA SER D 67 -24.64 -12.86 18.30
C SER D 67 -25.09 -11.47 17.79
N PRO D 68 -26.33 -11.07 18.07
CA PRO D 68 -26.80 -9.74 17.61
C PRO D 68 -25.92 -8.59 18.14
N LEU D 69 -25.19 -8.81 19.23
CA LEU D 69 -24.25 -7.82 19.74
C LEU D 69 -23.18 -7.49 18.70
N PHE D 70 -22.85 -8.44 17.83
CA PHE D 70 -21.79 -8.20 16.84
C PHE D 70 -22.34 -7.46 15.60
N GLY D 71 -23.65 -7.54 15.39
CA GLY D 71 -24.29 -6.84 14.28
C GLY D 71 -25.60 -7.49 13.93
N THR D 72 -26.43 -6.79 13.17
CA THR D 72 -27.69 -7.38 12.72
C THR D 72 -27.57 -8.09 11.41
N LEU D 73 -27.47 -9.41 11.47
CA LEU D 73 -27.24 -10.19 10.26
C LEU D 73 -28.28 -10.04 9.14
N VAL D 74 -27.79 -9.77 7.94
CA VAL D 74 -28.60 -9.82 6.74
C VAL D 74 -28.32 -11.08 5.93
N SER D 75 -27.05 -11.48 5.85
CA SER D 75 -26.62 -12.61 5.01
C SER D 75 -25.25 -12.98 5.48
N SER D 76 -24.88 -14.23 5.24
CA SER D 76 -23.53 -14.70 5.60
C SER D 76 -22.97 -15.73 4.64
N ALA D 77 -21.64 -15.78 4.57
CA ALA D 77 -20.96 -16.83 3.82
C ALA D 77 -20.00 -17.53 4.78
N GLN D 78 -20.02 -18.85 4.80
CA GLN D 78 -19.16 -19.61 5.68
C GLN D 78 -18.25 -20.45 4.77
N PHE D 79 -16.97 -20.09 4.74
CA PHE D 79 -15.92 -20.78 4.00
C PHE D 79 -15.29 -21.80 4.96
N ASN D 80 -15.30 -23.06 4.60
CA ASN D 80 -14.60 -24.02 5.48
C ASN D 80 -14.28 -25.31 4.77
N TYR D 81 -13.76 -26.26 5.55
CA TYR D 81 -13.40 -27.58 4.97
C TYR D 81 -14.45 -28.59 5.41
N CYS D 82 -14.54 -28.86 6.71
CA CYS D 82 -15.62 -29.68 7.28
C CYS D 82 -16.81 -28.88 7.86
N PHE D 83 -18.01 -29.40 7.61
CA PHE D 83 -19.26 -28.77 8.03
C PHE D 83 -20.20 -29.82 8.64
N ASP D 84 -20.83 -29.47 9.75
CA ASP D 84 -22.00 -30.17 10.28
C ASP D 84 -23.11 -29.14 10.19
N VAL D 85 -23.97 -29.26 9.18
CA VAL D 85 -24.95 -28.21 8.89
C VAL D 85 -25.98 -28.05 9.98
N ASP D 86 -26.49 -29.16 10.52
CA ASP D 86 -27.40 -29.09 11.67
C ASP D 86 -26.77 -28.35 12.85
N TRP D 87 -25.52 -28.68 13.18
CA TRP D 87 -24.84 -28.00 14.29
C TRP D 87 -24.67 -26.51 13.94
N LEU D 88 -24.21 -26.26 12.72
CA LEU D 88 -23.93 -24.87 12.32
C LEU D 88 -25.14 -23.96 12.46
N VAL D 89 -26.30 -24.41 11.98
CA VAL D 89 -27.49 -23.56 12.04
C VAL D 89 -27.87 -23.24 13.48
N LYS D 90 -27.68 -24.18 14.38
CA LYS D 90 -27.94 -23.92 15.78
C LYS D 90 -27.01 -22.91 16.42
N GLN D 91 -25.87 -22.61 15.79
CA GLN D 91 -24.98 -21.59 16.37
C GLN D 91 -25.44 -20.15 16.04
N TYR D 92 -26.27 -20.00 15.01
CA TYR D 92 -26.82 -18.68 14.70
C TYR D 92 -27.92 -18.40 15.72
N PRO D 93 -28.11 -17.16 16.15
CA PRO D 93 -29.20 -16.86 17.09
C PRO D 93 -30.55 -17.13 16.41
N PRO D 94 -31.55 -17.56 17.18
CA PRO D 94 -32.85 -17.92 16.63
C PRO D 94 -33.39 -16.87 15.65
N GLU D 95 -33.21 -15.60 15.96
CA GLU D 95 -33.75 -14.51 15.12
C GLU D 95 -33.03 -14.40 13.75
N PHE D 96 -31.84 -15.00 13.63
CA PHE D 96 -31.09 -14.90 12.38
C PHE D 96 -31.02 -16.23 11.63
N ARG D 97 -31.63 -17.26 12.20
CA ARG D 97 -31.54 -18.60 11.62
C ARG D 97 -32.14 -18.81 10.23
N LYS D 98 -33.00 -17.92 9.74
CA LYS D 98 -33.50 -18.07 8.39
C LYS D 98 -32.89 -17.07 7.39
N LYS D 99 -31.95 -16.25 7.83
CA LYS D 99 -31.22 -15.39 6.89
C LYS D 99 -30.38 -16.25 5.96
N PRO D 100 -30.16 -15.80 4.72
CA PRO D 100 -29.40 -16.59 3.77
C PRO D 100 -27.97 -16.88 4.28
N ILE D 101 -27.56 -18.14 4.16
CA ILE D 101 -26.21 -18.59 4.47
C ILE D 101 -25.69 -19.24 3.21
N LEU D 102 -24.47 -18.89 2.79
CA LEU D 102 -23.80 -19.59 1.71
C LEU D 102 -22.66 -20.43 2.29
N LEU D 103 -22.61 -21.73 1.93
CA LEU D 103 -21.54 -22.60 2.41
C LEU D 103 -20.56 -22.80 1.25
N VAL D 104 -19.32 -22.35 1.45
CA VAL D 104 -18.27 -22.50 0.43
C VAL D 104 -17.37 -23.66 0.84
N HIS D 105 -17.37 -24.70 0.01
CA HIS D 105 -16.72 -25.95 0.42
C HIS D 105 -15.99 -26.54 -0.77
N GLY D 106 -15.31 -27.66 -0.56
CA GLY D 106 -14.58 -28.28 -1.65
C GLY D 106 -15.01 -29.72 -1.96
N ASP D 107 -16.11 -30.16 -1.40
CA ASP D 107 -16.53 -31.58 -1.50
C ASP D 107 -16.91 -31.95 -2.94
N LYS D 108 -16.58 -33.20 -3.33
CA LYS D 108 -16.93 -33.72 -4.65
C LYS D 108 -17.71 -35.02 -4.52
N ARG D 109 -18.40 -35.39 -5.59
CA ARG D 109 -19.02 -36.73 -5.68
C ARG D 109 -19.88 -37.08 -4.48
N GLU D 110 -19.65 -38.24 -3.86
CA GLU D 110 -20.52 -38.67 -2.76
C GLU D 110 -20.54 -37.72 -1.59
N ALA D 111 -19.36 -37.22 -1.26
CA ALA D 111 -19.22 -36.29 -0.15
C ALA D 111 -20.05 -35.04 -0.44
N LYS D 112 -19.97 -34.55 -1.67
CA LYS D 112 -20.79 -33.40 -2.06
C LYS D 112 -22.28 -33.71 -1.93
N ALA D 113 -22.70 -34.89 -2.38
CA ALA D 113 -24.11 -35.27 -2.20
C ALA D 113 -24.54 -35.33 -0.74
N HIS D 114 -23.66 -35.82 0.15
CA HIS D 114 -24.03 -35.84 1.56
C HIS D 114 -24.19 -34.44 2.14
N LEU D 115 -23.34 -33.52 1.71
CA LEU D 115 -23.39 -32.15 2.22
C LEU D 115 -24.65 -31.45 1.73
N HIS D 116 -24.99 -31.67 0.46
CA HIS D 116 -26.27 -31.14 -0.04
C HIS D 116 -27.47 -31.70 0.72
N ALA D 117 -27.46 -33.00 1.00
CA ALA D 117 -28.53 -33.64 1.77
C ALA D 117 -28.69 -33.03 3.15
N GLN D 118 -27.56 -32.68 3.79
CA GLN D 118 -27.58 -32.08 5.11
C GLN D 118 -28.22 -30.68 5.09
N ALA D 119 -27.96 -29.95 4.02
CA ALA D 119 -28.39 -28.57 3.90
C ALA D 119 -29.83 -28.50 3.39
N LYS D 120 -30.26 -29.57 2.70
CA LYS D 120 -31.59 -29.54 2.04
C LYS D 120 -32.79 -29.14 2.91
N PRO D 121 -32.87 -29.60 4.16
CA PRO D 121 -33.95 -29.18 5.05
C PRO D 121 -34.00 -27.67 5.28
N TYR D 122 -32.87 -26.97 5.15
CA TYR D 122 -32.84 -25.52 5.38
C TYR D 122 -32.92 -24.72 4.08
N GLU D 123 -34.08 -24.14 3.82
CA GLU D 123 -34.29 -23.48 2.54
C GLU D 123 -33.44 -22.22 2.32
N ASN D 124 -32.89 -21.67 3.39
CA ASN D 124 -32.08 -20.45 3.29
C ASN D 124 -30.58 -20.73 3.05
N ILE D 125 -30.21 -22.01 2.92
CA ILE D 125 -28.80 -22.34 2.67
C ILE D 125 -28.54 -22.64 1.22
N SER D 126 -27.52 -21.99 0.67
CA SER D 126 -26.99 -22.31 -0.65
C SER D 126 -25.57 -22.79 -0.52
N LEU D 127 -25.11 -23.45 -1.57
CA LEU D 127 -23.77 -24.04 -1.57
C LEU D 127 -22.95 -23.55 -2.74
N CYS D 128 -21.64 -23.35 -2.49
CA CYS D 128 -20.69 -23.07 -3.55
C CYS D 128 -19.57 -24.09 -3.50
N GLN D 129 -19.45 -24.92 -4.54
CA GLN D 129 -18.36 -25.87 -4.61
C GLN D 129 -17.16 -25.18 -5.22
N ALA D 130 -16.10 -25.04 -4.43
CA ALA D 130 -14.87 -24.46 -4.92
C ALA D 130 -14.13 -25.43 -5.82
N LYS D 131 -13.73 -24.99 -7.00
CA LYS D 131 -13.02 -25.89 -7.90
C LYS D 131 -11.68 -26.28 -7.32
N LEU D 132 -11.39 -27.58 -7.39
CA LEU D 132 -10.09 -28.10 -6.95
C LEU D 132 -9.53 -28.93 -8.10
N ASP D 133 -8.82 -28.28 -9.01
CA ASP D 133 -8.44 -29.01 -10.22
C ASP D 133 -7.10 -29.72 -10.11
N ILE D 134 -6.46 -29.60 -8.94
CA ILE D 134 -5.21 -30.30 -8.69
C ILE D 134 -5.46 -31.37 -7.64
N ALA D 135 -4.98 -32.60 -7.89
CA ALA D 135 -5.16 -33.71 -6.95
C ALA D 135 -4.60 -33.43 -5.55
N PHE D 136 -5.33 -33.90 -4.53
CA PHE D 136 -4.92 -33.79 -3.12
C PHE D 136 -5.00 -32.36 -2.59
N GLY D 137 -5.73 -31.52 -3.29
CA GLY D 137 -5.99 -30.18 -2.80
C GLY D 137 -7.23 -30.21 -1.94
N THR D 138 -7.34 -29.26 -1.01
CA THR D 138 -8.56 -29.13 -0.19
C THR D 138 -9.01 -27.71 -0.20
N HIS D 139 -10.29 -27.50 0.05
CA HIS D 139 -10.72 -26.13 0.30
C HIS D 139 -10.61 -25.93 1.81
N HIS D 140 -9.49 -25.38 2.24
CA HIS D 140 -9.14 -25.49 3.65
C HIS D 140 -9.37 -24.17 4.43
N THR D 141 -9.54 -23.10 3.68
CA THR D 141 -9.81 -21.77 4.23
C THR D 141 -10.98 -21.75 5.23
N LYS D 142 -10.77 -21.10 6.39
CA LYS D 142 -11.85 -20.89 7.35
C LYS D 142 -12.11 -19.40 7.46
N MET D 143 -13.25 -18.96 6.92
CA MET D 143 -13.60 -17.54 6.88
C MET D 143 -15.11 -17.36 7.00
N MET D 144 -15.52 -16.31 7.72
CA MET D 144 -16.92 -15.93 7.70
C MET D 144 -17.01 -14.52 7.09
N LEU D 145 -17.93 -14.34 6.14
CA LEU D 145 -18.26 -13.01 5.68
C LEU D 145 -19.65 -12.75 6.28
N LEU D 146 -19.76 -11.69 7.09
CA LEU D 146 -21.00 -11.42 7.85
C LEU D 146 -21.51 -10.06 7.41
N LEU D 147 -22.59 -10.06 6.62
CA LEU D 147 -23.16 -8.80 6.12
C LEU D 147 -24.26 -8.38 7.12
N TYR D 148 -24.20 -7.15 7.59
CA TYR D 148 -25.13 -6.69 8.60
C TYR D 148 -25.90 -5.50 8.04
N GLU D 149 -26.96 -5.15 8.75
CA GLU D 149 -27.63 -3.88 8.49
C GLU D 149 -26.65 -2.70 8.65
N GLU D 150 -25.72 -2.84 9.59
CA GLU D 150 -24.83 -1.77 10.03
C GLU D 150 -23.49 -1.74 9.29
N GLY D 151 -23.20 -2.80 8.55
CA GLY D 151 -21.94 -2.85 7.84
C GLY D 151 -21.52 -4.28 7.51
N LEU D 152 -20.22 -4.51 7.43
CA LEU D 152 -19.68 -5.81 7.03
C LEU D 152 -18.60 -6.21 8.03
N ARG D 153 -18.56 -7.50 8.38
CA ARG D 153 -17.43 -7.97 9.17
C ARG D 153 -16.79 -9.19 8.48
N VAL D 154 -15.47 -9.33 8.59
CA VAL D 154 -14.73 -10.52 8.04
C VAL D 154 -14.10 -11.20 9.24
N VAL D 155 -14.28 -12.52 9.36
CA VAL D 155 -13.66 -13.29 10.43
C VAL D 155 -12.77 -14.35 9.79
N ILE D 156 -11.48 -14.34 10.09
CA ILE D 156 -10.60 -15.36 9.49
C ILE D 156 -10.12 -16.18 10.68
N HIS D 157 -10.26 -17.51 10.61
CA HIS D 157 -10.08 -18.34 11.79
C HIS D 157 -9.53 -19.71 11.45
N THR D 158 -9.45 -20.61 12.43
CA THR D 158 -8.81 -21.92 12.18
C THR D 158 -9.72 -23.14 12.38
N SER D 159 -10.99 -22.94 12.72
CA SER D 159 -11.86 -24.05 13.15
C SER D 159 -12.78 -24.54 12.05
N ASN D 160 -12.90 -25.86 11.93
CA ASN D 160 -13.98 -26.43 11.11
C ASN D 160 -15.35 -26.11 11.72
N LEU D 161 -16.41 -26.16 10.91
CA LEU D 161 -17.73 -25.87 11.46
C LEU D 161 -18.39 -27.17 11.95
N ILE D 162 -17.77 -27.77 12.96
CA ILE D 162 -18.26 -28.98 13.64
C ILE D 162 -18.10 -28.78 15.16
N HIS D 163 -18.93 -29.45 15.97
CA HIS D 163 -18.90 -29.27 17.42
C HIS D 163 -17.51 -29.48 18.01
N ALA D 164 -16.84 -30.53 17.55
CA ALA D 164 -15.54 -30.86 18.12
C ALA D 164 -14.51 -29.76 17.98
N ASP D 165 -14.52 -29.03 16.87
CA ASP D 165 -13.47 -28.02 16.67
C ASP D 165 -13.64 -26.83 17.63
N TRP D 166 -14.82 -26.67 18.22
CA TRP D 166 -15.04 -25.51 19.09
C TRP D 166 -15.22 -25.89 20.57
N HIS D 167 -15.01 -27.15 20.90
CA HIS D 167 -15.30 -27.69 22.22
C HIS D 167 -14.06 -27.60 23.13
N GLN D 168 -13.02 -28.35 22.82
CA GLN D 168 -11.86 -28.42 23.71
C GLN D 168 -10.52 -28.28 22.98
N LYS D 169 -10.52 -27.57 21.85
CA LYS D 169 -9.30 -27.34 21.10
C LYS D 169 -8.74 -25.94 21.32
N THR D 170 -7.44 -25.78 21.06
CA THR D 170 -6.87 -24.44 20.93
C THR D 170 -7.03 -23.98 19.48
N GLN D 171 -7.82 -22.93 19.25
CA GLN D 171 -8.11 -22.45 17.90
C GLN D 171 -7.95 -20.93 17.92
N GLY D 172 -7.62 -20.34 16.78
CA GLY D 172 -7.44 -18.89 16.72
C GLY D 172 -8.45 -18.18 15.81
N ILE D 173 -8.72 -16.93 16.14
CA ILE D 173 -9.69 -16.12 15.43
C ILE D 173 -9.16 -14.71 15.25
N TRP D 174 -9.26 -14.17 14.02
CA TRP D 174 -9.05 -12.74 13.81
C TRP D 174 -10.39 -12.10 13.45
N LEU D 175 -10.76 -11.05 14.19
CA LEU D 175 -12.02 -10.31 13.93
C LEU D 175 -11.74 -8.95 13.30
N SER D 176 -12.29 -8.72 12.11
CA SER D 176 -12.12 -7.43 11.50
C SER D 176 -12.99 -6.41 12.29
N PRO D 177 -12.73 -5.14 12.06
CA PRO D 177 -13.62 -4.08 12.55
C PRO D 177 -14.95 -4.21 11.84
N LEU D 178 -15.96 -3.52 12.36
CA LEU D 178 -17.20 -3.35 11.61
C LEU D 178 -16.92 -2.35 10.49
N TYR D 179 -16.95 -2.81 9.25
CA TYR D 179 -16.66 -1.97 8.11
C TYR D 179 -17.95 -1.30 7.67
N PRO D 180 -17.98 0.04 7.66
CA PRO D 180 -19.21 0.75 7.22
C PRO D 180 -19.37 0.74 5.72
N ARG D 181 -20.59 0.98 5.22
CA ARG D 181 -20.80 1.17 3.79
C ARG D 181 -20.15 2.47 3.37
N ILE D 182 -19.64 2.53 2.14
CA ILE D 182 -19.15 3.78 1.58
C ILE D 182 -20.34 4.66 1.22
N ALA D 183 -20.25 5.93 1.60
CA ALA D 183 -21.35 6.89 1.49
C ALA D 183 -21.81 7.10 0.06
N ASP D 184 -23.12 7.32 -0.08
CA ASP D 184 -23.75 7.62 -1.36
C ASP D 184 -22.92 8.60 -2.20
N GLY D 185 -22.63 8.18 -3.43
CA GLY D 185 -21.90 8.99 -4.41
C GLY D 185 -20.61 9.65 -3.94
N THR D 186 -19.95 9.08 -2.92
CA THR D 186 -18.61 9.53 -2.57
C THR D 186 -17.64 8.75 -3.46
N HIS D 187 -16.43 9.29 -3.66
CA HIS D 187 -15.45 8.61 -4.50
C HIS D 187 -14.31 8.11 -3.62
N LYS D 188 -14.53 6.98 -2.95
CA LYS D 188 -13.53 6.45 -2.04
C LYS D 188 -13.20 5.02 -2.43
N SER D 189 -11.93 4.65 -2.27
CA SER D 189 -11.53 3.29 -2.55
C SER D 189 -11.97 2.37 -1.39
N GLY D 190 -11.98 2.89 -0.17
CA GLY D 190 -12.22 2.01 0.96
C GLY D 190 -11.05 1.06 1.26
N GLU D 191 -9.88 1.35 0.69
CA GLU D 191 -8.68 0.49 0.82
C GLU D 191 -7.84 0.86 2.04
N SER D 192 -7.19 -0.14 2.62
CA SER D 192 -6.29 0.07 3.77
C SER D 192 -4.84 0.17 3.28
N PRO D 193 -3.92 0.71 4.07
CA PRO D 193 -2.51 0.67 3.68
C PRO D 193 -1.96 -0.75 3.52
N THR D 194 -2.65 -1.76 4.07
CA THR D 194 -2.15 -3.13 3.86
C THR D 194 -2.74 -3.79 2.61
N HIS D 195 -3.60 -3.05 1.90
CA HIS D 195 -4.25 -3.50 0.64
C HIS D 195 -5.19 -4.66 0.87
N PHE D 196 -5.64 -4.80 2.12
CA PHE D 196 -6.56 -5.89 2.46
C PHE D 196 -7.78 -6.00 1.55
N LYS D 197 -8.40 -4.88 1.17
CA LYS D 197 -9.64 -4.96 0.39
C LYS D 197 -9.37 -5.57 -0.98
N ALA D 198 -8.36 -5.05 -1.68
CA ALA D 198 -7.97 -5.55 -3.01
C ALA D 198 -7.53 -6.99 -2.92
N ASN D 199 -6.74 -7.31 -1.89
CA ASN D 199 -6.26 -8.67 -1.72
C ASN D 199 -7.39 -9.66 -1.45
N LEU D 200 -8.39 -9.26 -0.64
CA LEU D 200 -9.52 -10.12 -0.37
C LEU D 200 -10.35 -10.32 -1.62
N ILE D 201 -10.53 -9.25 -2.39
CA ILE D 201 -11.29 -9.40 -3.61
C ILE D 201 -10.54 -10.31 -4.60
N SER D 202 -9.22 -10.21 -4.66
CA SER D 202 -8.42 -11.08 -5.53
C SER D 202 -8.54 -12.54 -5.15
N TYR D 203 -8.45 -12.78 -3.85
CA TYR D 203 -8.67 -14.12 -3.28
C TYR D 203 -10.02 -14.69 -3.74
N LEU D 204 -11.11 -13.90 -3.58
CA LEU D 204 -12.44 -14.38 -3.99
C LEU D 204 -12.61 -14.54 -5.49
N THR D 205 -12.00 -13.65 -6.25
CA THR D 205 -12.04 -13.71 -7.72
C THR D 205 -11.43 -15.01 -8.25
N ALA D 206 -10.44 -15.53 -7.55
CA ALA D 206 -9.80 -16.78 -8.00
C ALA D 206 -10.74 -18.00 -8.03
N TYR D 207 -11.84 -17.95 -7.27
CA TYR D 207 -12.81 -19.05 -7.30
C TYR D 207 -13.58 -19.10 -8.62
N ASN D 208 -13.69 -17.96 -9.29
CA ASN D 208 -14.50 -17.90 -10.52
C ASN D 208 -15.92 -18.44 -10.28
N ALA D 209 -16.58 -18.01 -9.21
CA ALA D 209 -17.87 -18.54 -8.81
C ALA D 209 -18.93 -17.46 -8.74
N PRO D 210 -20.10 -17.69 -9.34
CA PRO D 210 -21.17 -16.67 -9.34
C PRO D 210 -21.66 -16.25 -7.97
N SER D 211 -21.79 -17.20 -7.03
CA SER D 211 -22.28 -16.83 -5.72
C SER D 211 -21.27 -15.94 -4.99
N LEU D 212 -20.00 -16.04 -5.38
CA LEU D 212 -18.98 -15.23 -4.71
C LEU D 212 -18.89 -13.84 -5.35
N LYS D 213 -19.36 -13.70 -6.58
CA LYS D 213 -19.29 -12.39 -7.21
C LYS D 213 -20.23 -11.45 -6.47
N GLU D 214 -21.35 -11.96 -5.98
CA GLU D 214 -22.23 -11.14 -5.16
C GLU D 214 -21.52 -10.64 -3.89
N TRP D 215 -20.65 -11.47 -3.32
CA TRP D 215 -19.90 -11.10 -2.12
C TRP D 215 -18.80 -10.09 -2.43
N ILE D 216 -18.19 -10.24 -3.59
CA ILE D 216 -17.20 -9.29 -4.10
C ILE D 216 -17.86 -7.92 -4.24
N ASP D 217 -19.05 -7.90 -4.82
CA ASP D 217 -19.76 -6.62 -4.96
C ASP D 217 -20.13 -6.01 -3.60
N VAL D 218 -20.48 -6.85 -2.63
CA VAL D 218 -20.68 -6.38 -1.25
C VAL D 218 -19.40 -5.73 -0.70
N ILE D 219 -18.28 -6.41 -0.87
CA ILE D 219 -17.01 -5.90 -0.35
C ILE D 219 -16.66 -4.57 -1.04
N HIS D 220 -16.86 -4.49 -2.36
CA HIS D 220 -16.60 -3.25 -3.08
C HIS D 220 -17.32 -2.06 -2.45
N LYS D 221 -18.55 -2.26 -1.98
CA LYS D 221 -19.36 -1.18 -1.44
C LYS D 221 -19.01 -0.78 0.01
N HIS D 222 -18.05 -1.48 0.62
CA HIS D 222 -17.70 -1.16 2.02
C HIS D 222 -16.33 -0.55 2.18
N ASP D 223 -16.14 0.12 3.31
CA ASP D 223 -14.91 0.79 3.63
C ASP D 223 -14.05 -0.06 4.58
N LEU D 224 -13.00 -0.64 4.02
CA LEU D 224 -12.12 -1.55 4.81
C LEU D 224 -10.82 -0.85 5.19
N SER D 225 -10.80 0.49 5.08
CA SER D 225 -9.57 1.24 5.30
C SER D 225 -8.96 1.09 6.69
N GLU D 226 -9.74 0.73 7.70
CA GLU D 226 -9.16 0.62 9.03
C GLU D 226 -8.35 -0.66 9.27
N THR D 227 -8.34 -1.56 8.30
CA THR D 227 -7.66 -2.87 8.48
C THR D 227 -6.19 -2.72 8.68
N ASN D 228 -5.64 -3.40 9.71
CA ASN D 228 -4.22 -3.26 10.00
C ASN D 228 -3.43 -4.56 9.86
N VAL D 229 -4.05 -5.55 9.21
CA VAL D 229 -3.37 -6.82 8.92
C VAL D 229 -3.20 -7.04 7.42
N TYR D 230 -2.24 -7.87 7.07
CA TYR D 230 -2.05 -8.27 5.68
C TYR D 230 -2.68 -9.63 5.44
N LEU D 231 -3.36 -9.79 4.30
CA LEU D 231 -3.95 -11.09 3.96
C LEU D 231 -2.92 -11.98 3.27
N ILE D 232 -2.80 -13.23 3.72
CA ILE D 232 -1.93 -14.21 3.06
C ILE D 232 -2.82 -15.36 2.63
N GLY D 233 -3.08 -15.43 1.34
CA GLY D 233 -3.96 -16.47 0.82
C GLY D 233 -3.17 -17.53 0.04
N SER D 234 -3.71 -18.74 -0.02
CA SER D 234 -3.31 -19.76 -0.98
C SER D 234 -4.51 -20.08 -1.84
N THR D 235 -4.29 -20.27 -3.14
CA THR D 235 -5.34 -20.74 -4.02
C THR D 235 -4.74 -21.77 -5.01
N PRO D 236 -5.51 -22.75 -5.45
CA PRO D 236 -4.91 -23.81 -6.30
C PRO D 236 -4.46 -23.25 -7.64
N GLY D 237 -3.26 -23.64 -8.04
CA GLY D 237 -2.81 -23.39 -9.40
C GLY D 237 -1.31 -23.45 -9.54
N ARG D 238 -0.83 -22.94 -10.67
CA ARG D 238 0.58 -22.90 -10.98
C ARG D 238 0.92 -21.47 -11.33
N PHE D 239 1.78 -20.85 -10.52
CA PHE D 239 1.98 -19.41 -10.58
C PHE D 239 3.38 -19.00 -11.02
N GLN D 240 3.44 -18.21 -12.08
CA GLN D 240 4.71 -17.80 -12.68
C GLN D 240 4.76 -16.30 -12.80
N GLY D 241 5.95 -15.75 -13.06
CA GLY D 241 6.08 -14.36 -13.42
C GLY D 241 5.62 -13.46 -12.29
N SER D 242 4.77 -12.50 -12.60
CA SER D 242 4.32 -11.55 -11.59
C SER D 242 3.34 -12.20 -10.61
N GLN D 243 2.74 -13.31 -11.04
CA GLN D 243 1.78 -14.02 -10.22
C GLN D 243 2.43 -14.87 -9.13
N LYS D 244 3.73 -15.10 -9.24
CA LYS D 244 4.45 -15.93 -8.29
C LYS D 244 4.34 -15.42 -6.86
N ASP D 245 4.27 -14.10 -6.70
CA ASP D 245 4.28 -13.45 -5.39
C ASP D 245 2.89 -13.33 -4.80
N ASN D 246 1.87 -13.78 -5.51
CA ASN D 246 0.49 -13.55 -5.08
C ASN D 246 0.06 -14.42 -3.92
N TRP D 247 0.65 -15.62 -3.80
CA TRP D 247 0.04 -16.69 -2.97
C TRP D 247 1.08 -17.51 -2.22
N GLY D 248 0.63 -18.22 -1.18
CA GLY D 248 1.47 -19.17 -0.47
C GLY D 248 2.70 -18.54 0.15
N HIS D 249 3.79 -19.30 0.18
CA HIS D 249 4.96 -18.83 0.91
C HIS D 249 5.68 -17.67 0.23
N PHE D 250 5.52 -17.55 -1.09
CA PHE D 250 6.10 -16.42 -1.80
C PHE D 250 5.34 -15.12 -1.50
N ARG D 251 4.04 -15.21 -1.21
CA ARG D 251 3.29 -14.05 -0.72
C ARG D 251 3.89 -13.58 0.60
N LEU D 252 4.09 -14.51 1.51
CA LEU D 252 4.71 -14.19 2.79
C LEU D 252 6.06 -13.53 2.57
N LYS D 253 6.89 -14.17 1.73
CA LYS D 253 8.23 -13.64 1.44
C LYS D 253 8.17 -12.19 0.94
N LYS D 254 7.30 -11.90 -0.03
CA LYS D 254 7.19 -10.58 -0.60
C LYS D 254 6.79 -9.54 0.48
N LEU D 255 5.85 -9.91 1.36
CA LEU D 255 5.40 -8.98 2.42
C LEU D 255 6.53 -8.70 3.40
N LEU D 256 7.30 -9.74 3.71
CA LEU D 256 8.39 -9.59 4.67
C LEU D 256 9.55 -8.76 4.08
N LYS D 257 9.77 -8.93 2.79
CA LYS D 257 10.78 -8.17 2.06
C LYS D 257 10.40 -6.67 2.02
N ASP D 258 9.13 -6.38 1.81
CA ASP D 258 8.67 -5.00 1.64
C ASP D 258 8.35 -4.27 2.95
N HIS D 259 7.86 -4.98 3.97
CA HIS D 259 7.26 -4.30 5.13
C HIS D 259 7.86 -4.68 6.48
N ALA D 260 8.91 -5.49 6.45
CA ALA D 260 9.65 -5.78 7.67
C ALA D 260 11.05 -5.22 7.42
N SER D 261 11.79 -4.94 8.47
CA SER D 261 13.16 -4.50 8.26
C SER D 261 14.10 -5.39 9.03
N SER D 262 15.28 -5.62 8.46
CA SER D 262 16.27 -6.51 9.06
C SER D 262 16.98 -5.86 10.23
N MET D 263 17.13 -6.60 11.31
CA MET D 263 17.84 -6.10 12.48
C MET D 263 19.24 -6.69 12.55
N PRO D 264 20.13 -6.09 13.33
CA PRO D 264 21.45 -6.67 13.57
C PRO D 264 21.32 -8.03 14.26
N ASN D 265 22.03 -9.03 13.75
CA ASN D 265 22.01 -10.37 14.34
C ASN D 265 20.74 -11.16 14.00
N ALA D 266 20.09 -10.77 12.92
CA ALA D 266 18.90 -11.47 12.40
C ALA D 266 19.08 -12.99 12.26
N GLU D 267 20.29 -13.44 11.93
CA GLU D 267 20.59 -14.86 11.75
C GLU D 267 20.30 -15.64 13.03
N SER D 268 20.20 -14.95 14.15
CA SER D 268 19.97 -15.64 15.40
C SER D 268 18.53 -15.44 15.94
N TRP D 269 17.69 -14.75 15.16
CA TRP D 269 16.27 -14.71 15.47
C TRP D 269 15.65 -16.01 14.90
N PRO D 270 15.12 -16.89 15.74
CA PRO D 270 14.53 -18.15 15.27
C PRO D 270 13.29 -17.96 14.42
N VAL D 271 12.89 -19.03 13.74
CA VAL D 271 11.58 -19.15 13.12
C VAL D 271 10.83 -20.23 13.89
N VAL D 272 9.53 -20.02 14.08
CA VAL D 272 8.67 -20.97 14.77
C VAL D 272 7.47 -21.26 13.88
N GLY D 273 7.19 -22.54 13.68
CA GLY D 273 5.97 -22.93 12.97
C GLY D 273 5.20 -23.88 13.85
N GLN D 274 3.87 -23.76 13.88
CA GLN D 274 3.04 -24.51 14.79
C GLN D 274 1.76 -24.89 14.01
N PHE D 275 1.41 -26.18 14.00
CA PHE D 275 0.41 -26.68 13.02
C PHE D 275 -0.19 -28.00 13.46
N SER D 276 -1.20 -28.47 12.75
CA SER D 276 -1.85 -29.69 13.21
C SER D 276 -1.89 -30.79 12.14
N SER D 277 -1.31 -30.53 10.96
CA SER D 277 -1.25 -31.54 9.89
C SER D 277 0.10 -31.42 9.24
N VAL D 278 0.66 -32.55 8.80
CA VAL D 278 2.00 -32.55 8.23
C VAL D 278 1.97 -33.23 6.86
N GLY D 279 2.49 -32.55 5.86
CA GLY D 279 2.47 -33.05 4.49
C GLY D 279 3.71 -33.92 4.32
N SER D 280 3.84 -34.55 3.15
CA SER D 280 5.12 -35.16 2.74
C SER D 280 6.09 -34.09 2.24
N LEU D 281 7.18 -33.93 2.98
CA LEU D 281 8.07 -32.80 2.80
C LEU D 281 9.35 -33.14 2.04
N GLY D 282 9.58 -34.43 1.79
CA GLY D 282 10.72 -34.81 0.97
C GLY D 282 11.70 -35.63 1.78
N ALA D 283 12.67 -36.24 1.10
CA ALA D 283 13.56 -37.22 1.72
C ALA D 283 14.53 -36.64 2.75
N ASP D 284 14.78 -35.34 2.68
CA ASP D 284 15.56 -34.65 3.73
C ASP D 284 15.17 -33.17 3.79
N GLU D 285 15.75 -32.44 4.74
CA GLU D 285 15.40 -31.04 4.97
C GLU D 285 15.74 -30.07 3.84
N SER D 286 16.61 -30.47 2.91
CA SER D 286 17.01 -29.57 1.82
C SER D 286 16.04 -29.58 0.63
N LYS D 287 15.12 -30.54 0.63
CA LYS D 287 14.16 -30.67 -0.46
C LYS D 287 13.12 -29.53 -0.50
N TRP D 288 12.67 -29.07 0.67
CA TRP D 288 11.64 -28.03 0.74
C TRP D 288 11.67 -27.26 2.05
N LEU D 289 11.76 -27.98 3.17
CA LEU D 289 11.61 -27.34 4.47
C LEU D 289 12.65 -26.26 4.72
N CYS D 290 13.91 -26.61 4.56
CA CYS D 290 15.03 -25.73 4.88
C CYS D 290 15.66 -25.10 3.65
N SER D 291 15.05 -25.30 2.48
CA SER D 291 15.47 -24.59 1.28
C SER D 291 14.44 -23.51 0.96
N GLU D 292 13.31 -23.87 0.37
CA GLU D 292 12.37 -22.83 -0.03
C GLU D 292 11.44 -22.30 1.10
N PHE D 293 10.90 -23.16 1.94
CA PHE D 293 10.02 -22.73 3.04
C PHE D 293 10.68 -21.86 4.14
N LYS D 294 11.72 -22.38 4.80
CA LYS D 294 12.47 -21.53 5.73
C LYS D 294 13.07 -20.27 5.08
N GLU D 295 13.54 -20.38 3.84
CA GLU D 295 14.03 -19.22 3.11
C GLU D 295 12.99 -18.09 3.01
N SER D 296 11.74 -18.46 2.74
CA SER D 296 10.67 -17.46 2.73
C SER D 296 10.45 -16.89 4.14
N MET D 297 10.39 -17.76 5.14
CA MET D 297 10.09 -17.33 6.52
C MET D 297 11.19 -16.55 7.21
N LEU D 298 12.43 -16.69 6.74
CA LEU D 298 13.48 -15.93 7.39
C LEU D 298 13.76 -14.59 6.70
N THR D 299 13.07 -14.34 5.59
CA THR D 299 13.15 -13.05 4.90
C THR D 299 12.80 -11.88 5.79
N LEU D 300 13.63 -10.83 5.76
CA LEU D 300 13.37 -9.60 6.51
C LEU D 300 13.98 -8.43 5.75
N GLY D 301 13.13 -7.59 5.15
CA GLY D 301 13.62 -6.41 4.43
C GLY D 301 14.40 -6.68 3.16
N SER D 311 21.70 -20.98 9.07
CA SER D 311 22.04 -20.96 10.49
C SER D 311 20.87 -20.58 11.44
N VAL D 312 19.81 -19.98 10.89
CA VAL D 312 18.64 -19.61 11.70
C VAL D 312 18.00 -20.85 12.32
N PRO D 313 17.76 -20.83 13.62
CA PRO D 313 17.15 -21.98 14.30
C PRO D 313 15.67 -22.11 13.90
N LEU D 314 15.23 -23.34 13.71
CA LEU D 314 13.84 -23.58 13.32
C LEU D 314 13.15 -24.43 14.38
N TYR D 315 12.07 -23.90 14.96
CA TYR D 315 11.31 -24.66 15.94
C TYR D 315 9.99 -25.04 15.31
N LEU D 316 9.68 -26.33 15.29
CA LEU D 316 8.36 -26.77 14.86
C LEU D 316 7.58 -27.31 16.06
N ILE D 317 6.34 -26.87 16.22
CA ILE D 317 5.52 -27.27 17.39
C ILE D 317 4.41 -28.17 16.88
N TYR D 318 4.39 -29.41 17.35
CA TYR D 318 3.39 -30.40 16.93
C TYR D 318 3.18 -31.38 18.08
N PRO D 319 1.94 -31.72 18.45
CA PRO D 319 1.68 -32.50 19.66
C PRO D 319 2.35 -33.88 19.68
N SER D 320 3.00 -34.24 20.78
CA SER D 320 3.50 -35.60 20.97
C SER D 320 2.36 -36.54 21.28
N VAL D 321 2.62 -37.85 21.25
CA VAL D 321 1.64 -38.79 21.71
C VAL D 321 1.23 -38.53 23.15
N GLU D 322 2.17 -38.20 24.02
CA GLU D 322 1.85 -37.93 25.42
C GLU D 322 0.98 -36.67 25.57
N ASN D 323 1.23 -35.66 24.74
CA ASN D 323 0.36 -34.47 24.75
C ASN D 323 -1.12 -34.84 24.49
N VAL D 324 -1.33 -35.70 23.49
CA VAL D 324 -2.67 -36.15 23.10
C VAL D 324 -3.32 -37.03 24.19
N ARG D 325 -2.55 -38.00 24.65
CA ARG D 325 -3.03 -38.96 25.65
C ARG D 325 -3.59 -38.24 26.91
N THR D 326 -2.88 -37.21 27.36
CA THR D 326 -3.23 -36.51 28.58
C THR D 326 -4.08 -35.27 28.35
N SER D 327 -4.59 -35.12 27.14
CA SER D 327 -5.40 -33.95 26.79
C SER D 327 -6.84 -34.02 27.32
N LEU D 328 -7.56 -32.92 27.21
CA LEU D 328 -8.94 -32.88 27.67
C LEU D 328 -9.80 -33.96 27.01
N GLU D 329 -9.53 -34.21 25.73
CA GLU D 329 -10.32 -35.16 24.92
C GLU D 329 -9.76 -36.56 24.95
N GLY D 330 -8.51 -36.66 25.37
CA GLY D 330 -7.81 -37.92 25.27
C GLY D 330 -7.41 -38.24 23.85
N TYR D 331 -7.29 -39.53 23.56
CA TYR D 331 -6.84 -39.95 22.22
C TYR D 331 -7.67 -39.40 21.05
N PRO D 332 -9.00 -39.31 21.21
CA PRO D 332 -9.83 -38.75 20.14
C PRO D 332 -9.40 -37.35 19.70
N ALA D 333 -8.65 -36.61 20.51
CA ALA D 333 -8.07 -35.36 20.02
C ALA D 333 -7.26 -35.64 18.73
N GLY D 334 -6.69 -36.84 18.63
CA GLY D 334 -5.87 -37.19 17.49
C GLY D 334 -6.63 -37.34 16.17
N GLY D 335 -7.96 -37.35 16.24
CA GLY D 335 -8.81 -37.37 15.07
C GLY D 335 -8.74 -36.04 14.30
N SER D 336 -8.12 -35.03 14.90
CA SER D 336 -7.89 -33.74 14.24
C SER D 336 -6.39 -33.44 14.05
N LEU D 337 -5.56 -34.47 14.22
CA LEU D 337 -4.11 -34.39 13.99
C LEU D 337 -3.72 -35.54 13.05
N PRO D 338 -4.09 -35.41 11.78
CA PRO D 338 -4.10 -36.57 10.87
C PRO D 338 -2.74 -36.94 10.22
N TYR D 339 -1.67 -36.96 11.01
CA TYR D 339 -0.34 -37.32 10.49
C TYR D 339 -0.32 -38.85 10.35
N SER D 340 -0.09 -39.36 9.16
CA SER D 340 -0.23 -40.81 8.93
C SER D 340 1.13 -41.49 8.97
N ILE D 341 1.17 -42.76 9.34
CA ILE D 341 2.45 -43.48 9.42
C ILE D 341 3.13 -43.56 8.06
N GLN D 342 2.32 -43.76 7.02
CA GLN D 342 2.77 -43.74 5.64
C GLN D 342 3.61 -42.52 5.31
N THR D 343 3.22 -41.36 5.83
CA THR D 343 3.98 -40.16 5.55
C THR D 343 5.15 -40.00 6.48
N ALA D 344 4.88 -40.22 7.76
CA ALA D 344 5.90 -40.03 8.79
C ALA D 344 7.16 -40.90 8.56
N GLU D 345 6.96 -42.15 8.13
CA GLU D 345 8.12 -43.05 7.93
C GLU D 345 9.02 -42.66 6.75
N LYS D 346 8.52 -41.81 5.85
CA LYS D 346 9.33 -41.26 4.76
C LYS D 346 10.23 -40.09 5.18
N GLN D 347 10.05 -39.59 6.39
CA GLN D 347 10.72 -38.34 6.80
C GLN D 347 10.99 -38.29 8.30
N ASN D 348 11.64 -39.33 8.82
CA ASN D 348 12.02 -39.30 10.22
C ASN D 348 12.95 -38.15 10.61
N TRP D 349 13.75 -37.67 9.64
CA TRP D 349 14.63 -36.53 9.87
C TRP D 349 13.84 -35.32 10.43
N LEU D 350 12.57 -35.22 10.05
CA LEU D 350 11.76 -34.03 10.37
C LEU D 350 11.54 -33.92 11.88
N HIS D 351 11.48 -35.08 12.54
CA HIS D 351 11.01 -35.15 13.92
C HIS D 351 12.00 -34.58 14.89
N SER D 352 13.24 -34.39 14.43
CA SER D 352 14.24 -33.77 15.26
C SER D 352 13.99 -32.26 15.42
N TYR D 353 13.06 -31.72 14.63
CA TYR D 353 12.71 -30.31 14.72
C TYR D 353 11.49 -30.14 15.64
N PHE D 354 10.88 -31.24 16.07
CA PHE D 354 9.59 -31.16 16.76
C PHE D 354 9.66 -30.80 18.24
N HIS D 355 8.76 -29.92 18.65
CA HIS D 355 8.66 -29.50 20.05
C HIS D 355 7.24 -29.70 20.57
N LYS D 356 7.09 -29.94 21.88
CA LYS D 356 5.81 -30.32 22.49
C LYS D 356 4.86 -29.13 22.48
N TRP D 357 3.59 -29.44 22.52
CA TRP D 357 2.57 -28.42 22.75
C TRP D 357 2.56 -28.09 24.24
N SER D 358 2.75 -26.82 24.54
CA SER D 358 2.65 -26.33 25.91
C SER D 358 2.03 -24.94 25.83
N ALA D 359 1.04 -24.68 26.68
CA ALA D 359 0.33 -23.40 26.66
C ALA D 359 -0.19 -23.00 28.05
N GLU D 360 0.69 -23.11 29.04
CA GLU D 360 0.41 -22.58 30.38
C GLU D 360 -0.04 -21.12 30.32
N THR D 361 0.59 -20.35 29.44
CA THR D 361 0.23 -18.92 29.29
C THR D 361 -1.26 -18.67 29.07
N SER D 362 -1.93 -19.57 28.35
CA SER D 362 -3.36 -19.42 28.09
C SER D 362 -4.22 -20.52 28.74
N GLY D 363 -3.68 -21.24 29.73
CA GLY D 363 -4.38 -22.35 30.38
C GLY D 363 -4.76 -23.51 29.46
N ARG D 364 -4.03 -23.66 28.35
CA ARG D 364 -4.48 -24.53 27.28
C ARG D 364 -3.49 -25.68 26.94
N SER D 365 -2.65 -26.03 27.90
CA SER D 365 -1.73 -27.14 27.63
C SER D 365 -2.47 -28.43 27.33
N ASN D 366 -3.65 -28.62 27.90
CA ASN D 366 -4.40 -29.85 27.58
C ASN D 366 -5.46 -29.71 26.48
N ALA D 367 -5.51 -28.55 25.85
CA ALA D 367 -6.43 -28.31 24.77
C ALA D 367 -5.69 -28.39 23.45
N MET D 368 -5.81 -29.51 22.75
CA MET D 368 -4.89 -29.74 21.65
C MET D 368 -5.08 -28.69 20.55
N PRO D 369 -3.98 -28.29 19.95
CA PRO D 369 -3.99 -27.25 18.93
C PRO D 369 -4.60 -27.68 17.62
N HIS D 370 -5.54 -26.88 17.16
CA HIS D 370 -5.93 -26.93 15.75
C HIS D 370 -5.69 -25.56 15.11
N ILE D 371 -5.29 -24.58 15.91
CA ILE D 371 -4.76 -23.31 15.39
C ILE D 371 -3.46 -23.60 14.60
N LYS D 372 -3.12 -22.75 13.66
CA LYS D 372 -1.81 -22.84 13.00
C LYS D 372 -1.19 -21.45 13.05
N THR D 373 0.05 -21.36 13.47
CA THR D 373 0.70 -20.05 13.60
C THR D 373 2.16 -20.16 13.19
N TYR D 374 2.71 -19.05 12.75
CA TYR D 374 4.12 -18.93 12.37
C TYR D 374 4.60 -17.59 12.87
N MET D 375 5.83 -17.52 13.38
CA MET D 375 6.30 -16.23 13.86
C MET D 375 7.83 -16.20 13.94
N ARG D 376 8.38 -15.02 14.17
CA ARG D 376 9.82 -14.81 14.17
C ARG D 376 10.25 -14.15 15.47
N PRO D 377 10.52 -14.93 16.51
CA PRO D 377 10.93 -14.35 17.80
C PRO D 377 12.38 -13.89 17.82
N SER D 378 12.69 -13.04 18.77
CA SER D 378 14.07 -12.65 19.06
C SER D 378 14.80 -13.84 19.72
N PRO D 379 16.12 -13.78 19.84
CA PRO D 379 16.87 -14.89 20.43
C PRO D 379 16.43 -15.26 21.86
N ASP D 380 15.92 -14.31 22.64
CA ASP D 380 15.45 -14.64 23.97
C ASP D 380 13.92 -14.75 24.05
N PHE D 381 13.27 -14.76 22.89
CA PHE D 381 11.84 -15.02 22.80
C PHE D 381 11.01 -13.93 23.47
N SER D 382 11.62 -12.77 23.69
CA SER D 382 10.91 -11.70 24.41
C SER D 382 10.18 -10.76 23.48
N LYS D 383 10.55 -10.76 22.20
CA LYS D 383 9.83 -9.98 21.21
C LYS D 383 9.66 -10.74 19.91
N ILE D 384 8.81 -10.24 19.02
CA ILE D 384 8.67 -10.91 17.72
C ILE D 384 8.71 -9.88 16.57
N ALA D 385 9.26 -10.28 15.44
CA ALA D 385 9.29 -9.40 14.30
C ALA D 385 7.94 -9.41 13.54
N TRP D 386 7.16 -10.47 13.71
CA TRP D 386 5.88 -10.65 13.05
C TRP D 386 5.21 -11.92 13.56
N PHE D 387 3.91 -12.04 13.32
CA PHE D 387 3.16 -13.21 13.71
C PHE D 387 2.10 -13.44 12.65
N LEU D 388 1.83 -14.70 12.34
CA LEU D 388 0.81 -15.07 11.37
C LEU D 388 -0.09 -16.14 11.95
N VAL D 389 -1.40 -15.94 11.85
CA VAL D 389 -2.36 -16.99 12.16
C VAL D 389 -3.05 -17.30 10.85
N THR D 390 -3.18 -18.59 10.56
CA THR D 390 -3.63 -19.03 9.24
C THR D 390 -4.28 -20.42 9.32
N SER D 391 -5.00 -20.80 8.26
CA SER D 391 -5.47 -22.18 8.14
C SER D 391 -4.33 -23.10 7.60
N ALA D 392 -3.26 -22.50 7.14
CA ALA D 392 -2.22 -23.33 6.48
C ALA D 392 -1.41 -24.21 7.44
N ASN D 393 -1.51 -25.53 7.27
CA ASN D 393 -0.63 -26.46 8.00
C ASN D 393 0.75 -26.59 7.35
N LEU D 394 1.58 -27.49 7.89
CA LEU D 394 2.93 -27.64 7.36
C LEU D 394 2.91 -28.62 6.18
N SER D 395 2.46 -28.14 5.02
CA SER D 395 2.43 -28.97 3.82
C SER D 395 2.77 -28.14 2.58
N LYS D 396 3.34 -28.80 1.57
CA LYS D 396 3.51 -28.18 0.26
C LYS D 396 2.18 -27.84 -0.37
N ALA D 397 1.16 -28.66 -0.08
CA ALA D 397 -0.19 -28.49 -0.61
C ALA D 397 -0.76 -27.11 -0.24
N ALA D 398 -0.57 -26.73 1.04
CA ALA D 398 -1.02 -25.44 1.56
C ALA D 398 -0.10 -24.27 1.19
N TRP D 399 1.20 -24.47 1.27
CA TRP D 399 2.14 -23.36 1.15
C TRP D 399 2.74 -23.17 -0.26
N GLY D 400 2.70 -24.20 -1.08
CA GLY D 400 3.27 -24.09 -2.40
C GLY D 400 4.63 -24.77 -2.48
N ALA D 401 4.91 -25.33 -3.66
CA ALA D 401 6.23 -25.91 -3.94
C ALA D 401 6.67 -25.45 -5.33
N LEU D 402 7.92 -25.00 -5.43
CA LEU D 402 8.50 -24.57 -6.70
C LEU D 402 8.65 -25.74 -7.67
N GLU D 403 8.28 -25.47 -8.93
CA GLU D 403 8.37 -26.44 -10.02
C GLU D 403 9.03 -25.73 -11.21
N LYS D 404 9.29 -26.49 -12.26
CA LYS D 404 9.82 -25.94 -13.50
C LYS D 404 11.06 -25.13 -13.22
N ASN D 405 12.01 -25.77 -12.56
CA ASN D 405 13.30 -25.18 -12.28
C ASN D 405 13.22 -23.83 -11.56
N GLY D 406 12.45 -23.79 -10.46
CA GLY D 406 12.35 -22.61 -9.62
C GLY D 406 11.54 -21.45 -10.17
N THR D 407 10.82 -21.66 -11.27
CA THR D 407 10.08 -20.54 -11.88
C THR D 407 8.57 -20.57 -11.65
N GLN D 408 8.07 -21.62 -11.04
CA GLN D 408 6.62 -21.76 -10.94
C GLN D 408 6.30 -22.29 -9.55
N LEU D 409 5.38 -21.62 -8.86
CA LEU D 409 4.92 -22.08 -7.55
C LEU D 409 3.63 -22.86 -7.75
N MET D 410 3.65 -24.15 -7.40
CA MET D 410 2.46 -24.96 -7.48
C MET D 410 1.77 -25.08 -6.10
N ILE D 411 0.51 -24.69 -6.04
CA ILE D 411 -0.31 -24.84 -4.82
C ILE D 411 -1.52 -25.71 -5.06
N ARG D 412 -1.87 -26.58 -4.11
CA ARG D 412 -2.98 -27.51 -4.32
C ARG D 412 -4.27 -27.02 -3.71
N SER D 413 -4.15 -26.13 -2.71
CA SER D 413 -5.27 -25.89 -1.81
C SER D 413 -5.65 -24.42 -1.67
N TYR D 414 -6.83 -24.20 -1.14
CA TYR D 414 -7.23 -22.86 -0.67
C TYR D 414 -6.87 -22.76 0.83
N GLU D 415 -6.14 -21.71 1.20
CA GLU D 415 -5.82 -21.40 2.61
C GLU D 415 -5.92 -19.89 2.80
N LEU D 416 -6.05 -19.48 4.06
CA LEU D 416 -6.13 -18.02 4.30
C LEU D 416 -5.65 -17.70 5.68
N GLY D 417 -4.90 -16.61 5.82
CA GLY D 417 -4.35 -16.26 7.11
C GLY D 417 -4.19 -14.74 7.16
N VAL D 418 -3.85 -14.25 8.34
CA VAL D 418 -3.59 -12.83 8.48
C VAL D 418 -2.27 -12.63 9.14
N LEU D 419 -1.51 -11.70 8.58
CA LEU D 419 -0.18 -11.38 9.08
C LEU D 419 -0.17 -10.05 9.87
N PHE D 420 0.37 -10.10 11.10
CA PHE D 420 0.58 -8.94 11.98
C PHE D 420 2.02 -8.50 11.85
N LEU D 421 2.21 -7.34 11.25
CA LEU D 421 3.54 -6.77 11.10
C LEU D 421 3.65 -5.49 11.94
N PRO D 422 4.71 -5.36 12.71
CA PRO D 422 4.93 -4.15 13.52
C PRO D 422 4.77 -2.85 12.71
N SER D 423 5.24 -2.84 11.47
CA SER D 423 5.21 -1.62 10.66
C SER D 423 3.78 -1.15 10.41
N ALA D 424 2.82 -2.08 10.38
CA ALA D 424 1.43 -1.69 10.21
C ALA D 424 0.83 -0.95 11.41
N LEU D 425 1.52 -1.00 12.55
CA LEU D 425 1.13 -0.20 13.73
C LEU D 425 2.19 0.90 14.01
N GLY D 426 3.10 1.09 13.07
CA GLY D 426 4.17 2.07 13.21
C GLY D 426 5.29 1.66 14.15
N LEU D 427 5.38 0.35 14.42
CA LEU D 427 6.38 -0.16 15.36
C LEU D 427 7.46 -0.94 14.63
N ASP D 428 8.53 -1.29 15.34
CA ASP D 428 9.61 -2.10 14.77
C ASP D 428 9.54 -3.57 15.19
N SER D 429 8.98 -3.82 16.37
CA SER D 429 8.78 -5.19 16.86
C SER D 429 7.60 -5.21 17.82
N PHE D 430 7.06 -6.39 18.11
CA PHE D 430 6.09 -6.47 19.20
C PHE D 430 6.73 -7.15 20.41
N LYS D 431 6.50 -6.62 21.59
CA LYS D 431 6.84 -7.35 22.82
C LYS D 431 5.90 -8.54 22.94
N VAL D 432 6.41 -9.70 23.35
CA VAL D 432 5.55 -10.84 23.61
C VAL D 432 4.85 -10.67 24.93
N LYS D 433 3.52 -10.79 24.93
CA LYS D 433 2.76 -10.75 26.17
C LYS D 433 2.99 -12.06 26.90
N GLN D 434 3.57 -11.97 28.10
CA GLN D 434 3.99 -13.14 28.88
C GLN D 434 2.84 -14.01 29.40
N LYS D 435 1.72 -13.40 29.80
CA LYS D 435 0.54 -14.14 30.21
C LYS D 435 -0.63 -13.76 29.30
N PHE D 436 -1.18 -14.74 28.58
CA PHE D 436 -2.05 -14.46 27.44
C PHE D 436 -3.26 -13.63 27.84
N PHE D 437 -3.77 -13.90 29.03
CA PHE D 437 -4.97 -13.24 29.53
C PHE D 437 -4.60 -12.22 30.60
N THR D 446 1.59 -5.12 22.92
CA THR D 446 2.26 -6.39 23.17
C THR D 446 1.40 -7.54 22.64
N PHE D 447 2.04 -8.45 21.92
CA PHE D 447 1.29 -9.45 21.20
C PHE D 447 0.98 -10.70 22.01
N PRO D 448 -0.26 -11.14 21.97
CA PRO D 448 -0.67 -12.31 22.74
C PRO D 448 -0.31 -13.65 22.09
N VAL D 449 0.91 -14.12 22.27
CA VAL D 449 1.30 -15.45 21.79
C VAL D 449 0.58 -16.48 22.65
N PRO D 450 -0.17 -17.38 22.01
CA PRO D 450 -1.07 -18.28 22.73
C PRO D 450 -0.43 -19.52 23.39
N TYR D 451 0.85 -19.80 23.10
CA TYR D 451 1.54 -20.93 23.72
C TYR D 451 2.87 -20.49 24.33
N ASP D 452 3.51 -21.40 25.05
CA ASP D 452 4.66 -21.02 25.86
C ASP D 452 5.93 -20.90 25.05
N LEU D 453 6.81 -20.01 25.52
CA LEU D 453 8.15 -19.83 24.93
C LEU D 453 9.21 -19.99 26.02
N PRO D 454 10.41 -20.48 25.67
CA PRO D 454 10.70 -21.07 24.35
C PRO D 454 9.97 -22.42 24.25
N PRO D 455 9.77 -22.92 23.04
CA PRO D 455 9.14 -24.23 22.85
C PRO D 455 10.07 -25.32 23.39
N GLU D 456 9.50 -26.40 23.92
CA GLU D 456 10.30 -27.46 24.53
C GLU D 456 10.50 -28.65 23.58
N LEU D 457 11.76 -29.02 23.35
CA LEU D 457 12.08 -30.12 22.46
C LEU D 457 11.50 -31.46 22.93
N TYR D 458 11.04 -32.30 22.01
CA TYR D 458 10.59 -33.65 22.38
C TYR D 458 11.66 -34.32 23.23
N GLY D 459 11.24 -35.07 24.24
CA GLY D 459 12.16 -35.92 25.00
C GLY D 459 12.57 -37.15 24.22
N SER D 460 13.55 -37.90 24.75
CA SER D 460 14.03 -39.11 24.08
C SER D 460 12.93 -40.14 23.81
N LYS D 461 11.98 -40.24 24.72
CA LYS D 461 10.92 -41.23 24.58
C LYS D 461 9.66 -40.68 23.87
N ASP D 462 9.68 -39.40 23.52
CA ASP D 462 8.54 -38.79 22.86
C ASP D 462 8.44 -39.13 21.40
N ARG D 463 7.22 -39.21 20.89
CA ARG D 463 6.96 -39.45 19.47
C ARG D 463 5.89 -38.47 19.00
N PRO D 464 5.93 -38.09 17.73
CA PRO D 464 4.88 -37.24 17.16
C PRO D 464 3.58 -38.02 17.15
N TRP D 465 2.47 -37.36 17.45
CA TRP D 465 1.19 -38.01 17.28
C TRP D 465 1.00 -38.48 15.82
N ILE D 466 0.70 -39.77 15.65
CA ILE D 466 0.48 -40.36 14.33
C ILE D 466 -0.87 -41.06 14.45
N TRP D 467 -1.84 -40.68 13.64
CA TRP D 467 -3.21 -41.02 13.99
C TRP D 467 -3.68 -42.42 13.62
N ASN D 468 -2.94 -43.09 12.75
CA ASN D 468 -3.44 -44.36 12.23
C ASN D 468 -2.62 -45.59 12.66
N ILE D 469 -1.99 -45.48 13.82
CA ILE D 469 -1.36 -46.64 14.47
C ILE D 469 -1.90 -46.72 15.89
N PRO D 470 -1.79 -47.89 16.50
CA PRO D 470 -2.35 -48.12 17.83
C PRO D 470 -1.50 -47.55 18.94
N TYR D 471 -2.18 -47.11 19.99
CA TYR D 471 -1.54 -46.71 21.22
C TYR D 471 -2.19 -47.53 22.30
N VAL D 472 -1.44 -48.48 22.86
CA VAL D 472 -2.01 -49.42 23.81
C VAL D 472 -1.22 -49.53 25.12
N LYS D 473 -0.15 -48.73 25.26
CA LYS D 473 0.70 -48.81 26.45
C LYS D 473 0.11 -48.15 27.70
N ALA D 474 -0.57 -47.01 27.52
CA ALA D 474 -1.19 -46.31 28.63
C ALA D 474 -2.49 -45.67 28.19
N PRO D 475 -3.48 -45.68 29.07
CA PRO D 475 -4.82 -45.18 28.75
C PRO D 475 -4.90 -43.65 28.80
N ASP D 476 -5.88 -43.09 28.10
CA ASP D 476 -6.00 -41.65 28.04
C ASP D 476 -6.82 -41.12 29.20
N THR D 477 -7.13 -39.82 29.19
CA THR D 477 -7.80 -39.23 30.32
C THR D 477 -9.26 -39.71 30.44
N HIS D 478 -9.75 -40.44 29.45
CA HIS D 478 -11.13 -40.97 29.54
C HIS D 478 -11.12 -42.48 29.87
N GLY D 479 -9.93 -43.04 30.10
CA GLY D 479 -9.78 -44.45 30.41
C GLY D 479 -9.58 -45.35 29.20
N ASN D 480 -9.36 -44.78 28.02
CA ASN D 480 -9.35 -45.56 26.78
C ASN D 480 -7.99 -45.70 26.08
N MET D 481 -7.88 -46.73 25.25
CA MET D 481 -6.70 -46.94 24.41
C MET D 481 -7.04 -46.46 23.02
N TRP D 482 -6.10 -46.52 22.07
CA TRP D 482 -6.40 -46.07 20.70
C TRP D 482 -6.09 -47.16 19.68
N VAL D 483 -7.12 -47.70 19.05
CA VAL D 483 -6.94 -48.77 18.08
C VAL D 483 -7.70 -48.44 16.79
N PRO D 484 -7.03 -47.79 15.86
CA PRO D 484 -7.64 -47.34 14.60
C PRO D 484 -7.82 -48.43 13.53
N LYS E 1 18.09 32.87 -4.24
CA LYS E 1 17.93 33.25 -5.67
C LYS E 1 16.58 33.92 -5.90
N LEU E 2 16.58 35.14 -6.47
CA LEU E 2 15.38 35.95 -6.54
C LEU E 2 14.48 35.60 -7.75
N ASN E 3 15.09 35.03 -8.77
CA ASN E 3 14.42 34.59 -10.00
C ASN E 3 15.43 33.84 -10.86
N TYR E 4 14.99 33.42 -12.04
CA TYR E 4 15.81 32.56 -12.91
C TYR E 4 17.05 33.26 -13.49
N TYR E 5 17.01 34.59 -13.59
CA TYR E 5 18.12 35.30 -14.21
C TYR E 5 19.02 35.97 -13.18
N ASP E 6 18.93 35.49 -11.93
CA ASP E 6 19.90 35.75 -10.84
C ASP E 6 19.22 35.59 -9.48
N LYS F 1 -18.04 -32.98 4.14
CA LYS F 1 -17.19 -33.80 5.04
C LYS F 1 -17.53 -33.45 6.48
N LEU F 2 -17.92 -34.44 7.28
CA LEU F 2 -18.27 -34.21 8.67
C LEU F 2 -17.06 -34.03 9.59
N ASN F 3 -15.93 -34.56 9.14
CA ASN F 3 -14.68 -34.59 9.93
C ASN F 3 -13.62 -35.21 9.08
N TYR F 4 -12.41 -35.32 9.63
CA TYR F 4 -11.26 -35.72 8.83
C TYR F 4 -11.31 -37.19 8.44
N TYR F 5 -11.97 -38.02 9.24
CA TYR F 5 -12.05 -39.44 8.90
C TYR F 5 -13.33 -39.75 8.13
N ASP F 6 -14.05 -38.68 7.78
CA ASP F 6 -15.10 -38.60 6.75
C ASP F 6 -16.55 -38.77 7.21
#